data_7MQL
#
_entry.id   7MQL
#
_cell.length_a   130.584
_cell.length_b   90.882
_cell.length_c   100.404
_cell.angle_alpha   90.00
_cell.angle_beta   90.00
_cell.angle_gamma   90.00
#
_symmetry.space_group_name_H-M   'P 21 21 2'
#
loop_
_entity.id
_entity.type
_entity.pdbx_description
1 polymer 'Aminoglycoside N(3)-acetyltransferase III'
2 non-polymer 'COENZYME A'
3 non-polymer RIBOSTAMYCIN
4 non-polymer 'FORMIC ACID'
5 water water
#
_entity_poly.entity_id   1
_entity_poly.type   'polypeptide(L)'
_entity_poly.pdbx_seq_one_letter_code
;GSHMTDLNIPHTHAHLVDAFQALGIRAGQALMLHASVKAVGAVMGGPNVILQALMDALTPDGTLMMYAGWQDIPDFIDSL
PDALKAVYLEQHPPFDPATARAVRENSVLAEFLRTWP(CSO)VHRSANPEASMVAVGRQAALLTANHALDYGYGVESPLA
KLVAIEGYVLMLGAPLDTITLLHHAEYLAKMRHKNVVRYPCPILRDGRKVWVTVEDYDTGDPHDDYSFEQIARDYVAQGG
GTRGKVGDADAYLFAAQDLTRFAVQWLESRFGDSASYG
;
_entity_poly.pdbx_strand_id   A,B,C,D
#
# COMPACT_ATOMS: atom_id res chain seq x y z
N ILE A 9 -46.51 -26.10 25.68
CA ILE A 9 -46.08 -26.65 24.40
C ILE A 9 -45.03 -25.75 23.72
N PRO A 10 -45.31 -24.47 23.45
CA PRO A 10 -44.28 -23.60 22.85
C PRO A 10 -43.14 -23.35 23.83
N HIS A 11 -41.92 -23.27 23.28
CA HIS A 11 -40.76 -22.99 24.11
C HIS A 11 -40.89 -21.62 24.75
N THR A 12 -40.52 -21.53 26.04
CA THR A 12 -40.62 -20.29 26.77
C THR A 12 -39.30 -19.53 26.73
N HIS A 13 -39.40 -18.22 26.99
CA HIS A 13 -38.21 -17.40 27.14
C HIS A 13 -37.22 -18.00 28.13
N ALA A 14 -37.72 -18.37 29.31
CA ALA A 14 -36.82 -18.88 30.36
C ALA A 14 -36.12 -20.16 29.92
N HIS A 15 -36.85 -21.06 29.25
N HIS A 15 -36.87 -21.06 29.27
CA HIS A 15 -36.24 -22.30 28.79
CA HIS A 15 -36.27 -22.30 28.77
C HIS A 15 -35.21 -22.07 27.69
C HIS A 15 -35.18 -22.02 27.75
N LEU A 16 -35.43 -21.06 26.85
CA LEU A 16 -34.43 -20.74 25.83
C LEU A 16 -33.18 -20.14 26.46
N VAL A 17 -33.33 -19.25 27.44
CA VAL A 17 -32.17 -18.71 28.14
C VAL A 17 -31.36 -19.84 28.78
N ASP A 18 -32.04 -20.74 29.49
N ASP A 18 -32.04 -20.77 29.45
CA ASP A 18 -31.37 -21.90 30.08
CA ASP A 18 -31.36 -21.89 30.09
C ASP A 18 -30.61 -22.70 29.04
C ASP A 18 -30.64 -22.76 29.07
N ALA A 19 -31.24 -22.95 27.89
CA ALA A 19 -30.61 -23.76 26.86
C ALA A 19 -29.38 -23.07 26.28
N PHE A 20 -29.47 -21.75 26.04
CA PHE A 20 -28.30 -21.01 25.57
C PHE A 20 -27.18 -21.08 26.59
N GLN A 21 -27.49 -20.89 27.87
CA GLN A 21 -26.44 -20.96 28.88
C GLN A 21 -25.84 -22.36 28.96
N ALA A 22 -26.68 -23.40 28.86
CA ALA A 22 -26.17 -24.76 28.91
C ALA A 22 -25.24 -25.06 27.75
N LEU A 23 -25.52 -24.49 26.58
CA LEU A 23 -24.66 -24.66 25.41
C LEU A 23 -23.30 -23.99 25.58
N GLY A 24 -23.19 -22.99 26.44
CA GLY A 24 -21.94 -22.27 26.59
C GLY A 24 -22.00 -20.77 26.32
N ILE A 25 -23.17 -20.20 26.04
CA ILE A 25 -23.29 -18.75 25.90
C ILE A 25 -23.05 -18.09 27.26
N ARG A 26 -22.21 -17.07 27.28
CA ARG A 26 -21.83 -16.44 28.53
C ARG A 26 -22.00 -14.94 28.42
N ALA A 27 -22.20 -14.31 29.58
CA ALA A 27 -22.29 -12.86 29.65
C ALA A 27 -21.06 -12.21 29.02
N GLY A 28 -21.30 -11.21 28.18
CA GLY A 28 -20.24 -10.41 27.61
C GLY A 28 -19.70 -10.90 26.29
N GLN A 29 -20.09 -12.08 25.83
CA GLN A 29 -19.58 -12.60 24.57
C GLN A 29 -20.10 -11.74 23.41
N ALA A 30 -19.30 -11.68 22.35
CA ALA A 30 -19.73 -11.15 21.07
C ALA A 30 -20.07 -12.36 20.20
N LEU A 31 -21.30 -12.42 19.71
CA LEU A 31 -21.82 -13.63 19.10
C LEU A 31 -22.51 -13.31 17.79
N MET A 32 -22.16 -14.07 16.74
CA MET A 32 -22.82 -14.03 15.44
C MET A 32 -23.75 -15.22 15.33
N LEU A 33 -25.00 -14.98 14.97
CA LEU A 33 -26.03 -16.01 14.95
C LEU A 33 -26.40 -16.38 13.52
N HIS A 34 -26.48 -17.69 13.23
CA HIS A 34 -27.16 -18.19 12.05
C HIS A 34 -28.30 -19.07 12.52
N ALA A 35 -29.49 -18.93 11.95
CA ALA A 35 -30.61 -19.62 12.59
C ALA A 35 -31.65 -20.05 11.57
N SER A 36 -32.45 -21.06 11.98
CA SER A 36 -33.71 -21.42 11.33
C SER A 36 -34.81 -21.36 12.38
N VAL A 37 -35.79 -20.49 12.16
CA VAL A 37 -36.91 -20.38 13.10
C VAL A 37 -37.68 -21.71 13.15
N LYS A 38 -37.88 -22.34 11.99
CA LYS A 38 -38.63 -23.59 11.96
C LYS A 38 -37.93 -24.69 12.75
N ALA A 39 -36.59 -24.74 12.65
CA ALA A 39 -35.85 -25.77 13.36
C ALA A 39 -36.01 -25.65 14.87
N VAL A 40 -36.10 -24.42 15.38
CA VAL A 40 -36.28 -24.22 16.81
C VAL A 40 -37.65 -24.71 17.25
N GLY A 41 -38.65 -24.64 16.38
CA GLY A 41 -40.01 -24.98 16.75
C GLY A 41 -40.74 -23.81 17.40
N ALA A 42 -42.02 -24.03 17.66
CA ALA A 42 -42.88 -22.96 18.16
C ALA A 42 -42.33 -22.37 19.46
N VAL A 43 -42.21 -21.04 19.49
CA VAL A 43 -41.73 -20.30 20.65
C VAL A 43 -42.87 -19.41 21.15
N MET A 44 -43.07 -19.38 22.48
CA MET A 44 -44.13 -18.58 23.10
C MET A 44 -43.82 -17.11 22.97
N GLY A 45 -44.47 -16.42 22.03
CA GLY A 45 -44.14 -15.05 21.70
C GLY A 45 -43.45 -14.86 20.36
N GLY A 46 -43.09 -15.94 19.66
CA GLY A 46 -42.54 -15.84 18.32
C GLY A 46 -41.04 -15.60 18.29
N PRO A 47 -40.49 -15.37 17.10
CA PRO A 47 -39.03 -15.26 16.97
C PRO A 47 -38.41 -14.10 17.75
N ASN A 48 -39.15 -13.04 18.08
CA ASN A 48 -38.63 -12.00 18.98
C ASN A 48 -38.05 -12.60 20.25
N VAL A 49 -38.69 -13.66 20.77
CA VAL A 49 -38.28 -14.25 22.04
C VAL A 49 -36.95 -15.00 21.89
N ILE A 50 -36.70 -15.57 20.70
CA ILE A 50 -35.38 -16.15 20.46
C ILE A 50 -34.30 -15.10 20.62
N LEU A 51 -34.48 -13.94 19.97
CA LEU A 51 -33.49 -12.87 20.03
C LEU A 51 -33.36 -12.33 21.45
N GLN A 52 -34.49 -12.09 22.12
CA GLN A 52 -34.43 -11.55 23.49
C GLN A 52 -33.81 -12.55 24.45
N ALA A 53 -34.14 -13.83 24.31
CA ALA A 53 -33.53 -14.83 25.19
C ALA A 53 -32.03 -14.87 24.99
N LEU A 54 -31.58 -14.80 23.74
CA LEU A 54 -30.15 -14.78 23.46
C LEU A 54 -29.50 -13.51 24.00
N MET A 55 -30.13 -12.34 23.79
CA MET A 55 -29.60 -11.10 24.35
C MET A 55 -29.57 -11.16 25.87
N ASP A 56 -30.54 -11.84 26.50
CA ASP A 56 -30.51 -11.93 27.97
C ASP A 56 -29.36 -12.82 28.42
N ALA A 57 -29.09 -13.91 27.72
CA ALA A 57 -27.95 -14.76 28.08
C ALA A 57 -26.63 -14.01 27.89
N LEU A 58 -26.56 -13.16 26.87
CA LEU A 58 -25.37 -12.35 26.59
C LEU A 58 -25.24 -11.15 27.52
N THR A 59 -26.36 -10.67 28.11
CA THR A 59 -26.49 -9.45 28.91
C THR A 59 -26.16 -8.22 28.05
N PRO A 60 -26.47 -7.01 28.53
CA PRO A 60 -26.14 -5.83 27.72
C PRO A 60 -24.65 -5.63 27.49
N ASP A 61 -23.79 -6.28 28.29
N ASP A 61 -23.78 -6.28 28.27
CA ASP A 61 -22.35 -6.25 28.05
CA ASP A 61 -22.36 -6.16 27.97
C ASP A 61 -21.94 -7.06 26.84
C ASP A 61 -21.89 -7.15 26.91
N GLY A 62 -22.79 -7.99 26.39
CA GLY A 62 -22.51 -8.80 25.23
C GLY A 62 -23.06 -8.17 23.96
N THR A 63 -22.84 -8.86 22.84
CA THR A 63 -23.21 -8.35 21.52
C THR A 63 -23.74 -9.48 20.67
N LEU A 64 -24.82 -9.21 19.94
CA LEU A 64 -25.41 -10.19 19.02
C LEU A 64 -25.40 -9.60 17.62
N MET A 65 -24.86 -10.36 16.65
CA MET A 65 -24.74 -9.85 15.30
C MET A 65 -25.26 -10.87 14.31
N MET A 66 -25.87 -10.40 13.22
CA MET A 66 -26.26 -11.29 12.13
C MET A 66 -25.90 -10.65 10.79
N TYR A 67 -25.75 -11.51 9.79
CA TYR A 67 -25.57 -11.07 8.41
C TYR A 67 -26.93 -10.73 7.80
N ALA A 68 -27.13 -9.44 7.46
CA ALA A 68 -28.37 -8.98 6.84
C ALA A 68 -28.26 -8.92 5.32
N GLY A 69 -27.20 -8.28 4.80
CA GLY A 69 -27.09 -8.08 3.36
C GLY A 69 -28.22 -7.17 2.89
N TRP A 70 -28.56 -7.30 1.61
CA TRP A 70 -29.63 -6.48 1.02
C TRP A 70 -30.42 -7.35 0.07
N GLN A 71 -31.67 -7.65 0.43
CA GLN A 71 -32.50 -8.54 -0.38
C GLN A 71 -32.62 -8.04 -1.83
N ASP A 72 -32.64 -6.72 -2.03
CA ASP A 72 -32.95 -6.18 -3.36
C ASP A 72 -31.73 -5.57 -4.04
N ILE A 73 -30.52 -5.99 -3.67
CA ILE A 73 -29.33 -5.40 -4.29
C ILE A 73 -29.33 -5.71 -5.79
N PRO A 74 -29.19 -4.71 -6.66
CA PRO A 74 -29.22 -4.95 -8.10
C PRO A 74 -27.84 -5.23 -8.67
N ASP A 75 -27.16 -6.19 -8.08
CA ASP A 75 -25.78 -6.45 -8.48
C ASP A 75 -25.69 -7.27 -9.77
N PHE A 76 -26.83 -7.62 -10.36
CA PHE A 76 -26.92 -8.46 -11.54
C PHE A 76 -27.16 -7.68 -12.82
N ILE A 77 -27.15 -6.34 -12.77
CA ILE A 77 -27.67 -5.60 -13.91
C ILE A 77 -26.73 -5.62 -15.12
N ASP A 78 -25.44 -5.90 -14.94
CA ASP A 78 -24.55 -5.91 -16.09
C ASP A 78 -24.95 -6.96 -17.10
N SER A 79 -25.71 -7.97 -16.69
CA SER A 79 -26.17 -9.04 -17.56
C SER A 79 -27.39 -8.67 -18.39
N LEU A 80 -28.00 -7.50 -18.17
CA LEU A 80 -29.23 -7.16 -18.87
C LEU A 80 -28.96 -6.39 -20.15
N PRO A 81 -29.92 -6.37 -21.07
CA PRO A 81 -29.81 -5.49 -22.24
C PRO A 81 -29.70 -4.03 -21.82
N ASP A 82 -28.98 -3.25 -22.65
CA ASP A 82 -28.68 -1.87 -22.31
C ASP A 82 -29.93 -1.06 -21.96
N ALA A 83 -31.03 -1.26 -22.68
CA ALA A 83 -32.22 -0.46 -22.44
C ALA A 83 -32.82 -0.76 -21.06
N LEU A 84 -32.81 -2.03 -20.66
CA LEU A 84 -33.29 -2.39 -19.32
C LEU A 84 -32.30 -1.92 -18.25
N LYS A 85 -31.00 -2.04 -18.55
CA LYS A 85 -29.98 -1.52 -17.64
C LYS A 85 -30.18 -0.04 -17.36
N ALA A 86 -30.47 0.73 -18.41
CA ALA A 86 -30.71 2.16 -18.23
C ALA A 86 -31.86 2.39 -17.25
N VAL A 87 -32.91 1.57 -17.33
CA VAL A 87 -34.04 1.74 -16.41
C VAL A 87 -33.60 1.46 -14.99
N TYR A 88 -32.85 0.38 -14.77
CA TYR A 88 -32.33 0.10 -13.43
C TYR A 88 -31.46 1.26 -12.93
N LEU A 89 -30.56 1.78 -13.78
CA LEU A 89 -29.69 2.86 -13.33
C LEU A 89 -30.48 4.09 -12.94
N GLU A 90 -31.61 4.33 -13.60
CA GLU A 90 -32.44 5.49 -13.30
C GLU A 90 -33.41 5.23 -12.16
N GLN A 91 -33.99 4.04 -12.07
CA GLN A 91 -35.15 3.85 -11.21
C GLN A 91 -34.91 2.98 -9.98
N HIS A 92 -33.84 2.18 -9.96
CA HIS A 92 -33.64 1.31 -8.79
C HIS A 92 -33.25 2.16 -7.60
N PRO A 93 -33.86 1.94 -6.42
CA PRO A 93 -33.47 2.73 -5.25
C PRO A 93 -32.08 2.37 -4.79
N PRO A 94 -31.40 3.29 -4.10
CA PRO A 94 -30.08 2.99 -3.52
C PRO A 94 -30.22 2.20 -2.24
N PHE A 95 -29.08 1.62 -1.83
CA PHE A 95 -28.99 1.03 -0.49
C PHE A 95 -29.17 2.12 0.56
N ASP A 96 -30.28 2.11 1.27
CA ASP A 96 -30.46 3.01 2.41
C ASP A 96 -30.42 2.14 3.64
N PRO A 97 -29.41 2.24 4.49
CA PRO A 97 -29.33 1.33 5.64
C PRO A 97 -30.54 1.40 6.55
N ALA A 98 -31.30 2.50 6.53
CA ALA A 98 -32.47 2.54 7.41
C ALA A 98 -33.59 1.64 6.93
N THR A 99 -33.66 1.36 5.62
CA THR A 99 -34.78 0.62 5.07
C THR A 99 -34.42 -0.64 4.30
N ALA A 100 -33.16 -0.80 3.86
CA ALA A 100 -32.83 -1.93 2.99
C ALA A 100 -33.12 -3.24 3.69
N ARG A 101 -33.98 -4.07 3.11
CA ARG A 101 -34.42 -5.28 3.80
C ARG A 101 -33.33 -6.35 3.79
N ALA A 102 -33.27 -7.14 4.87
CA ALA A 102 -32.30 -8.23 4.91
C ALA A 102 -32.65 -9.30 3.89
N VAL A 103 -31.61 -9.99 3.39
CA VAL A 103 -31.82 -11.12 2.49
C VAL A 103 -32.74 -12.16 3.14
N ARG A 104 -33.80 -12.58 2.43
CA ARG A 104 -34.78 -13.47 3.05
C ARG A 104 -34.14 -14.81 3.44
N GLU A 105 -33.22 -15.32 2.60
CA GLU A 105 -32.55 -16.60 2.87
C GLU A 105 -31.58 -16.53 4.04
N ASN A 106 -31.35 -15.35 4.62
CA ASN A 106 -30.51 -15.20 5.80
C ASN A 106 -31.27 -15.43 7.09
N SER A 107 -32.53 -15.87 6.99
CA SER A 107 -33.54 -16.07 8.04
C SER A 107 -34.30 -14.79 8.31
N VAL A 108 -35.61 -14.91 8.55
CA VAL A 108 -36.38 -13.76 9.01
C VAL A 108 -35.79 -13.18 10.29
N LEU A 109 -35.08 -14.00 11.08
CA LEU A 109 -34.45 -13.47 12.30
C LEU A 109 -33.45 -12.36 12.00
N ALA A 110 -32.79 -12.41 10.84
CA ALA A 110 -31.87 -11.33 10.48
C ALA A 110 -32.63 -10.03 10.25
N GLU A 111 -33.79 -10.12 9.59
CA GLU A 111 -34.63 -8.94 9.43
C GLU A 111 -35.20 -8.46 10.76
N PHE A 112 -35.56 -9.39 11.65
CA PHE A 112 -36.02 -9.02 12.99
C PHE A 112 -34.93 -8.29 13.79
N LEU A 113 -33.67 -8.74 13.67
CA LEU A 113 -32.58 -8.07 14.39
C LEU A 113 -32.24 -6.73 13.76
N ARG A 114 -32.30 -6.66 12.43
CA ARG A 114 -32.04 -5.41 11.72
C ARG A 114 -32.97 -4.30 12.18
N THR A 115 -34.19 -4.65 12.57
CA THR A 115 -35.18 -3.66 13.01
C THR A 115 -35.35 -3.63 14.53
N TRP A 116 -34.40 -4.15 15.28
CA TRP A 116 -34.43 -4.14 16.73
C TRP A 116 -33.97 -2.80 17.29
N PRO A 117 -34.52 -2.36 18.45
CA PRO A 117 -34.04 -1.12 19.07
C PRO A 117 -32.53 -1.11 19.33
N VAL A 119 -30.07 -1.04 17.30
CA VAL A 119 -29.25 -1.79 16.34
C VAL A 119 -28.27 -0.84 15.64
N HIS A 120 -27.11 -1.39 15.28
CA HIS A 120 -26.15 -0.74 14.40
C HIS A 120 -26.00 -1.58 13.14
N ARG A 121 -25.86 -0.92 12.00
CA ARG A 121 -25.76 -1.63 10.74
C ARG A 121 -24.51 -1.18 9.99
N SER A 122 -23.77 -2.13 9.45
CA SER A 122 -22.56 -1.83 8.72
C SER A 122 -22.90 -1.39 7.29
N ALA A 123 -21.99 -0.61 6.69
CA ALA A 123 -22.34 0.18 5.50
C ALA A 123 -22.19 -0.58 4.19
N ASN A 124 -21.51 -1.71 4.20
CA ASN A 124 -21.35 -2.44 2.95
C ASN A 124 -22.67 -3.08 2.54
N PRO A 125 -23.29 -2.69 1.41
CA PRO A 125 -24.64 -3.21 1.11
C PRO A 125 -24.70 -4.72 1.00
N GLU A 126 -23.88 -5.31 0.14
CA GLU A 126 -23.97 -6.75 -0.09
C GLU A 126 -23.60 -7.54 1.16
N ALA A 127 -22.66 -7.04 1.96
CA ALA A 127 -22.14 -7.76 3.12
C ALA A 127 -22.64 -7.19 4.45
N SER A 128 -23.74 -6.42 4.42
CA SER A 128 -24.15 -5.65 5.59
C SER A 128 -24.44 -6.53 6.80
N MET A 129 -23.86 -6.17 7.93
CA MET A 129 -24.07 -6.84 9.21
C MET A 129 -24.85 -5.93 10.16
N VAL A 130 -25.68 -6.54 11.00
CA VAL A 130 -26.47 -5.80 11.98
C VAL A 130 -26.12 -6.35 13.37
N ALA A 131 -26.06 -5.47 14.35
CA ALA A 131 -25.66 -5.92 15.68
C ALA A 131 -26.32 -5.07 16.77
N VAL A 132 -26.57 -5.70 17.91
CA VAL A 132 -27.12 -5.04 19.08
C VAL A 132 -26.26 -5.43 20.29
N GLY A 133 -25.82 -4.43 21.06
CA GLY A 133 -25.08 -4.74 22.27
C GLY A 133 -23.84 -3.88 22.40
N ARG A 134 -22.98 -4.26 23.36
CA ARG A 134 -21.94 -3.33 23.81
C ARG A 134 -20.90 -3.06 22.72
N GLN A 135 -20.59 -4.06 21.89
N GLN A 135 -20.59 -4.06 21.89
CA GLN A 135 -19.61 -3.89 20.82
CA GLN A 135 -19.61 -3.89 20.82
C GLN A 135 -20.28 -3.78 19.45
C GLN A 135 -20.27 -3.75 19.45
N ALA A 136 -21.56 -3.43 19.40
CA ALA A 136 -22.25 -3.36 18.12
C ALA A 136 -21.68 -2.25 17.23
N ALA A 137 -21.41 -1.07 17.78
CA ALA A 137 -20.80 -0.01 16.97
C ALA A 137 -19.40 -0.41 16.52
N LEU A 138 -18.60 -0.96 17.44
CA LEU A 138 -17.25 -1.41 17.10
C LEU A 138 -17.26 -2.39 15.94
N LEU A 139 -18.12 -3.42 16.03
CA LEU A 139 -18.12 -4.47 15.02
C LEU A 139 -18.56 -3.95 13.66
N THR A 140 -19.49 -2.99 13.63
CA THR A 140 -20.08 -2.57 12.37
C THR A 140 -19.41 -1.34 11.75
N ALA A 141 -18.41 -0.76 12.41
CA ALA A 141 -17.82 0.50 11.97
C ALA A 141 -16.92 0.32 10.75
N ASN A 142 -16.93 1.32 9.85
CA ASN A 142 -15.91 1.40 8.79
C ASN A 142 -15.83 0.13 7.96
N HIS A 143 -16.99 -0.41 7.61
CA HIS A 143 -17.05 -1.62 6.80
C HIS A 143 -16.85 -1.19 5.35
N ALA A 144 -15.64 -1.43 4.83
CA ALA A 144 -15.28 -0.99 3.49
C ALA A 144 -16.15 -1.64 2.42
N LEU A 145 -16.40 -0.90 1.34
CA LEU A 145 -17.22 -1.44 0.26
C LEU A 145 -16.51 -2.57 -0.47
N ASP A 146 -15.21 -2.45 -0.72
CA ASP A 146 -14.47 -3.51 -1.40
C ASP A 146 -14.05 -4.59 -0.42
N TYR A 147 -14.07 -5.83 -0.91
CA TYR A 147 -13.63 -7.00 -0.13
C TYR A 147 -14.36 -7.02 1.22
N GLY A 148 -15.68 -7.11 1.12
CA GLY A 148 -16.57 -6.96 2.28
C GLY A 148 -16.51 -8.07 3.31
N TYR A 149 -15.79 -9.16 3.04
CA TYR A 149 -15.61 -10.22 4.03
C TYR A 149 -14.16 -10.26 4.45
N GLY A 150 -13.43 -9.18 4.18
CA GLY A 150 -11.98 -9.15 4.31
C GLY A 150 -11.49 -8.42 5.54
N VAL A 151 -10.35 -7.72 5.36
CA VAL A 151 -9.65 -7.13 6.49
C VAL A 151 -10.45 -6.01 7.15
N GLU A 152 -11.29 -5.29 6.39
CA GLU A 152 -12.05 -4.17 6.94
C GLU A 152 -13.49 -4.54 7.27
N SER A 153 -13.74 -5.76 7.70
CA SER A 153 -15.12 -6.24 7.80
C SER A 153 -15.50 -6.53 9.25
N PRO A 154 -16.80 -6.60 9.55
CA PRO A 154 -17.21 -7.04 10.89
C PRO A 154 -16.76 -8.45 11.21
N LEU A 155 -16.56 -9.28 10.19
CA LEU A 155 -16.08 -10.63 10.44
C LEU A 155 -14.64 -10.62 10.92
N ALA A 156 -13.78 -9.79 10.32
CA ALA A 156 -12.42 -9.63 10.82
C ALA A 156 -12.44 -9.16 12.27
N LYS A 157 -13.32 -8.22 12.59
CA LYS A 157 -13.34 -7.69 13.95
C LYS A 157 -13.85 -8.71 14.95
N LEU A 158 -14.84 -9.52 14.54
CA LEU A 158 -15.34 -10.58 15.41
C LEU A 158 -14.23 -11.57 15.74
N VAL A 159 -13.40 -11.91 14.75
CA VAL A 159 -12.23 -12.76 15.00
C VAL A 159 -11.26 -12.05 15.95
N ALA A 160 -11.00 -10.76 15.69
CA ALA A 160 -10.00 -10.02 16.46
C ALA A 160 -10.40 -9.88 17.93
N ILE A 161 -11.69 -9.74 18.24
CA ILE A 161 -12.08 -9.60 19.63
C ILE A 161 -12.47 -10.96 20.22
N GLU A 162 -12.21 -12.03 19.47
CA GLU A 162 -12.45 -13.41 19.90
C GLU A 162 -13.91 -13.62 20.29
N GLY A 163 -14.77 -13.32 19.33
CA GLY A 163 -16.17 -13.62 19.43
C GLY A 163 -16.47 -15.06 19.07
N TYR A 164 -17.76 -15.34 18.92
CA TYR A 164 -18.29 -16.69 18.73
C TYR A 164 -19.30 -16.71 17.60
N VAL A 165 -19.55 -17.92 17.08
CA VAL A 165 -20.59 -18.17 16.08
C VAL A 165 -21.54 -19.24 16.63
N LEU A 166 -22.84 -18.93 16.62
CA LEU A 166 -23.88 -19.85 17.07
C LEU A 166 -24.71 -20.28 15.87
N MET A 167 -24.75 -21.59 15.61
CA MET A 167 -25.64 -22.17 14.61
C MET A 167 -26.88 -22.71 15.32
N LEU A 168 -28.04 -22.10 15.05
CA LEU A 168 -29.27 -22.47 15.75
C LEU A 168 -30.19 -23.12 14.73
N GLY A 169 -29.97 -24.42 14.53
CA GLY A 169 -30.68 -25.15 13.50
C GLY A 169 -30.36 -24.73 12.09
N ALA A 170 -29.29 -23.95 11.89
CA ALA A 170 -28.90 -23.51 10.56
C ALA A 170 -27.91 -24.51 9.96
N PRO A 171 -27.99 -24.80 8.66
CA PRO A 171 -27.02 -25.73 8.07
C PRO A 171 -25.60 -25.20 8.16
N LEU A 172 -24.63 -26.10 8.36
CA LEU A 172 -23.27 -25.65 8.57
C LEU A 172 -22.67 -24.96 7.36
N ASP A 173 -23.27 -25.15 6.17
N ASP A 173 -23.25 -25.14 6.17
CA ASP A 173 -22.83 -24.50 4.95
CA ASP A 173 -22.70 -24.45 5.01
C ASP A 173 -23.08 -22.99 4.95
C ASP A 173 -23.08 -22.98 4.94
N THR A 174 -23.82 -22.46 5.92
CA THR A 174 -24.21 -21.05 5.91
C THR A 174 -23.32 -20.18 6.79
N ILE A 175 -22.19 -20.69 7.27
CA ILE A 175 -21.33 -19.88 8.14
C ILE A 175 -20.63 -18.80 7.32
N THR A 176 -21.14 -17.56 7.38
CA THR A 176 -20.59 -16.46 6.62
C THR A 176 -19.15 -16.18 6.97
N LEU A 177 -18.78 -16.43 8.24
CA LEU A 177 -17.39 -16.26 8.65
C LEU A 177 -16.40 -17.03 7.76
N LEU A 178 -16.84 -18.13 7.14
CA LEU A 178 -15.89 -18.86 6.28
C LEU A 178 -15.57 -18.08 5.00
N HIS A 179 -16.37 -17.09 4.61
CA HIS A 179 -15.92 -16.22 3.52
C HIS A 179 -14.72 -15.37 3.95
N HIS A 180 -14.64 -15.07 5.25
CA HIS A 180 -13.44 -14.40 5.76
C HIS A 180 -12.25 -15.33 5.72
N ALA A 181 -12.47 -16.62 6.00
CA ALA A 181 -11.37 -17.57 5.86
C ALA A 181 -10.90 -17.66 4.41
N GLU A 182 -11.84 -17.67 3.45
CA GLU A 182 -11.43 -17.63 2.04
C GLU A 182 -10.57 -16.41 1.74
N TYR A 183 -10.96 -15.25 2.28
CA TYR A 183 -10.20 -14.02 2.04
C TYR A 183 -8.79 -14.16 2.57
N LEU A 184 -8.63 -14.70 3.79
CA LEU A 184 -7.31 -14.80 4.41
C LEU A 184 -6.43 -15.86 3.74
N ALA A 185 -7.04 -16.92 3.23
CA ALA A 185 -6.27 -18.09 2.82
C ALA A 185 -5.50 -17.79 1.54
N LYS A 186 -4.21 -18.15 1.53
N LYS A 186 -4.21 -18.13 1.54
CA LYS A 186 -3.40 -18.03 0.33
CA LYS A 186 -3.39 -18.05 0.33
C LYS A 186 -3.69 -19.25 -0.55
C LYS A 186 -3.70 -19.27 -0.54
N MET A 187 -4.37 -19.05 -1.67
CA MET A 187 -4.84 -20.15 -2.50
C MET A 187 -4.39 -20.02 -3.95
N ARG A 188 -4.25 -21.18 -4.62
CA ARG A 188 -3.73 -21.22 -5.99
C ARG A 188 -4.64 -20.48 -6.97
N HIS A 189 -5.95 -20.39 -6.70
CA HIS A 189 -6.84 -19.69 -7.61
C HIS A 189 -7.91 -18.95 -6.82
N LYS A 190 -8.13 -17.68 -7.16
CA LYS A 190 -9.24 -16.91 -6.64
C LYS A 190 -9.97 -16.21 -7.79
N ASN A 191 -11.30 -16.15 -7.69
CA ASN A 191 -12.12 -15.35 -8.61
C ASN A 191 -12.38 -13.98 -7.98
N VAL A 192 -12.04 -12.91 -8.70
CA VAL A 192 -12.30 -11.55 -8.26
C VAL A 192 -13.39 -10.97 -9.14
N VAL A 193 -14.42 -10.37 -8.51
CA VAL A 193 -15.54 -9.80 -9.27
C VAL A 193 -15.65 -8.31 -9.01
N ARG A 194 -16.23 -7.62 -10.00
CA ARG A 194 -16.61 -6.23 -9.88
C ARG A 194 -18.07 -6.13 -10.29
N TYR A 195 -18.89 -5.48 -9.48
CA TYR A 195 -20.32 -5.42 -9.75
C TYR A 195 -20.86 -4.06 -9.34
N PRO A 196 -21.96 -3.62 -9.95
CA PRO A 196 -22.51 -2.28 -9.64
C PRO A 196 -23.42 -2.30 -8.43
N CYS A 197 -23.47 -1.16 -7.73
CA CYS A 197 -24.38 -1.04 -6.60
C CYS A 197 -24.77 0.41 -6.39
N PRO A 198 -26.06 0.72 -6.21
CA PRO A 198 -26.43 2.10 -5.90
C PRO A 198 -26.35 2.34 -4.40
N ILE A 199 -25.72 3.44 -3.99
CA ILE A 199 -25.59 3.76 -2.57
C ILE A 199 -26.01 5.20 -2.37
N LEU A 200 -26.06 5.62 -1.10
CA LEU A 200 -26.30 7.00 -0.76
C LEU A 200 -24.98 7.69 -0.45
N ARG A 201 -24.76 8.85 -1.08
CA ARG A 201 -23.56 9.62 -0.84
C ARG A 201 -23.97 11.07 -0.71
N ASP A 202 -23.78 11.64 0.47
CA ASP A 202 -24.21 13.01 0.75
C ASP A 202 -25.70 13.17 0.46
N GLY A 203 -26.49 12.19 0.90
CA GLY A 203 -27.93 12.19 0.71
C GLY A 203 -28.39 11.95 -0.70
N ARG A 204 -27.49 11.65 -1.63
CA ARG A 204 -27.83 11.46 -3.04
C ARG A 204 -27.52 10.04 -3.48
N LYS A 205 -28.31 9.53 -4.42
CA LYS A 205 -28.04 8.21 -4.96
C LYS A 205 -26.90 8.30 -5.95
N VAL A 206 -25.89 7.45 -5.77
N VAL A 206 -25.90 7.43 -5.77
CA VAL A 206 -24.79 7.33 -6.71
CA VAL A 206 -24.74 7.33 -6.63
C VAL A 206 -24.52 5.86 -6.91
C VAL A 206 -24.48 5.84 -6.89
N TRP A 207 -24.22 5.49 -8.16
CA TRP A 207 -23.85 4.13 -8.50
C TRP A 207 -22.33 3.98 -8.38
N VAL A 208 -21.89 2.95 -7.65
CA VAL A 208 -20.48 2.67 -7.52
C VAL A 208 -20.22 1.24 -7.99
N THR A 209 -18.95 0.95 -8.27
CA THR A 209 -18.54 -0.41 -8.57
C THR A 209 -17.86 -0.97 -7.33
N VAL A 210 -18.29 -2.16 -6.92
CA VAL A 210 -17.71 -2.87 -5.79
C VAL A 210 -16.82 -3.99 -6.31
N GLU A 211 -15.62 -4.11 -5.75
CA GLU A 211 -14.75 -5.23 -6.05
C GLU A 211 -14.70 -6.17 -4.86
N ASP A 212 -14.78 -7.47 -5.12
CA ASP A 212 -14.80 -8.43 -4.01
C ASP A 212 -14.30 -9.75 -4.55
N TYR A 213 -13.94 -10.64 -3.64
CA TYR A 213 -13.84 -12.03 -4.04
C TYR A 213 -15.24 -12.54 -4.31
N ASP A 214 -15.35 -13.42 -5.31
CA ASP A 214 -16.60 -14.12 -5.55
C ASP A 214 -17.03 -14.83 -4.27
N THR A 215 -18.25 -14.58 -3.82
CA THR A 215 -18.79 -15.33 -2.68
C THR A 215 -19.99 -16.18 -3.08
N GLY A 216 -20.30 -16.27 -4.37
CA GLY A 216 -21.41 -17.09 -4.83
C GLY A 216 -21.02 -18.53 -5.12
N ASP A 217 -19.75 -18.74 -5.47
CA ASP A 217 -19.20 -20.07 -5.69
C ASP A 217 -17.86 -20.13 -4.99
N PRO A 218 -17.43 -21.33 -4.59
CA PRO A 218 -16.08 -21.48 -4.00
C PRO A 218 -15.00 -21.22 -5.04
N HIS A 219 -13.80 -20.88 -4.53
CA HIS A 219 -12.67 -20.60 -5.41
C HIS A 219 -11.98 -21.86 -5.90
N ASP A 220 -12.32 -23.01 -5.34
CA ASP A 220 -11.69 -24.25 -5.70
C ASP A 220 -12.63 -25.38 -5.29
N ASP A 221 -12.10 -26.60 -5.21
CA ASP A 221 -12.92 -27.80 -5.04
C ASP A 221 -13.22 -28.05 -3.56
N TYR A 222 -14.14 -27.27 -3.00
CA TYR A 222 -14.52 -27.43 -1.60
C TYR A 222 -15.92 -26.83 -1.39
N SER A 223 -16.48 -27.12 -0.22
CA SER A 223 -17.71 -26.49 0.26
C SER A 223 -17.54 -26.11 1.73
N PHE A 224 -18.34 -25.12 2.17
CA PHE A 224 -18.29 -24.74 3.59
C PHE A 224 -18.79 -25.87 4.48
N GLU A 225 -19.82 -26.60 4.03
CA GLU A 225 -20.28 -27.80 4.74
C GLU A 225 -19.12 -28.74 5.05
N GLN A 226 -18.27 -28.96 4.07
CA GLN A 226 -17.15 -29.89 4.21
C GLN A 226 -16.18 -29.41 5.30
N ILE A 227 -15.83 -28.13 5.27
CA ILE A 227 -14.88 -27.57 6.24
C ILE A 227 -15.43 -27.65 7.66
N ALA A 228 -16.68 -27.20 7.85
CA ALA A 228 -17.27 -27.16 9.19
C ALA A 228 -17.45 -28.55 9.77
N ARG A 229 -17.91 -29.49 8.95
CA ARG A 229 -18.03 -30.86 9.42
C ARG A 229 -16.67 -31.42 9.85
N ASP A 230 -15.60 -31.10 9.11
CA ASP A 230 -14.27 -31.53 9.55
C ASP A 230 -13.88 -30.88 10.87
N TYR A 231 -14.22 -29.59 11.02
CA TYR A 231 -13.93 -28.90 12.27
C TYR A 231 -14.57 -29.60 13.45
N VAL A 232 -15.86 -29.93 13.32
N VAL A 232 -15.84 -29.98 13.33
CA VAL A 232 -16.56 -30.64 14.40
CA VAL A 232 -16.52 -30.62 14.46
C VAL A 232 -15.91 -31.99 14.65
C VAL A 232 -16.12 -32.08 14.63
N ALA A 233 -15.60 -32.73 13.58
CA ALA A 233 -15.07 -34.08 13.73
C ALA A 233 -13.79 -34.12 14.55
N GLN A 234 -12.96 -33.07 14.48
CA GLN A 234 -11.73 -33.00 15.27
C GLN A 234 -11.93 -32.31 16.61
N GLY A 235 -13.16 -32.19 17.09
CA GLY A 235 -13.42 -31.67 18.41
C GLY A 235 -13.72 -30.19 18.49
N GLY A 236 -14.00 -29.54 17.36
CA GLY A 236 -14.21 -28.09 17.36
C GLY A 236 -15.60 -27.75 17.84
N GLY A 237 -15.70 -26.78 18.75
CA GLY A 237 -16.99 -26.27 19.17
C GLY A 237 -17.71 -27.17 20.16
N THR A 238 -18.87 -26.68 20.60
CA THR A 238 -19.75 -27.42 21.49
C THR A 238 -21.12 -27.56 20.84
N ARG A 239 -21.83 -28.62 21.21
CA ARG A 239 -23.10 -28.97 20.57
C ARG A 239 -24.16 -29.19 21.63
N GLY A 240 -25.40 -28.87 21.29
CA GLY A 240 -26.50 -29.10 22.22
C GLY A 240 -27.81 -28.69 21.60
N LYS A 241 -28.88 -28.95 22.33
CA LYS A 241 -30.22 -28.65 21.85
C LYS A 241 -30.67 -27.30 22.38
N VAL A 242 -31.33 -26.52 21.52
CA VAL A 242 -32.00 -25.29 21.90
C VAL A 242 -33.38 -25.36 21.29
N GLY A 243 -34.41 -25.47 22.12
CA GLY A 243 -35.71 -25.80 21.60
C GLY A 243 -35.65 -27.15 20.90
N ASP A 244 -36.21 -27.21 19.69
CA ASP A 244 -36.13 -28.40 18.86
C ASP A 244 -34.87 -28.44 18.01
N ALA A 245 -34.01 -27.44 18.10
CA ALA A 245 -32.93 -27.27 17.14
C ALA A 245 -31.63 -27.87 17.63
N ASP A 246 -30.89 -28.49 16.71
N ASP A 246 -30.92 -28.53 16.72
CA ASP A 246 -29.51 -28.87 16.99
CA ASP A 246 -29.52 -28.85 16.97
C ASP A 246 -28.62 -27.63 16.85
C ASP A 246 -28.72 -27.56 16.90
N ALA A 247 -27.91 -27.30 17.92
CA ALA A 247 -27.13 -26.06 17.99
C ALA A 247 -25.65 -26.38 18.07
N TYR A 248 -24.85 -25.51 17.46
CA TYR A 248 -23.39 -25.55 17.51
C TYR A 248 -22.88 -24.19 17.93
N LEU A 249 -21.90 -24.18 18.85
CA LEU A 249 -21.26 -22.94 19.29
C LEU A 249 -19.77 -23.04 19.00
N PHE A 250 -19.26 -22.14 18.16
CA PHE A 250 -17.86 -22.14 17.70
C PHE A 250 -17.17 -20.86 18.14
N ALA A 251 -15.90 -20.98 18.52
CA ALA A 251 -15.08 -19.79 18.71
C ALA A 251 -14.63 -19.26 17.35
N ALA A 252 -14.88 -17.97 17.10
CA ALA A 252 -14.61 -17.42 15.77
C ALA A 252 -13.13 -17.50 15.38
N GLN A 253 -12.23 -17.22 16.32
CA GLN A 253 -10.80 -17.26 16.02
C GLN A 253 -10.35 -18.68 15.69
N ASP A 254 -10.76 -19.66 16.51
CA ASP A 254 -10.31 -21.03 16.31
C ASP A 254 -10.88 -21.61 15.02
N LEU A 255 -12.16 -21.34 14.72
CA LEU A 255 -12.74 -21.83 13.48
C LEU A 255 -12.06 -21.21 12.27
N THR A 256 -11.78 -19.90 12.32
CA THR A 256 -11.14 -19.22 11.20
C THR A 256 -9.75 -19.79 10.97
N ARG A 257 -8.98 -19.92 12.07
CA ARG A 257 -7.64 -20.50 11.95
C ARG A 257 -7.71 -21.90 11.34
N PHE A 258 -8.64 -22.73 11.82
CA PHE A 258 -8.80 -24.07 11.26
C PHE A 258 -9.15 -24.01 9.78
N ALA A 259 -10.09 -23.14 9.41
CA ALA A 259 -10.53 -23.10 8.02
C ALA A 259 -9.45 -22.58 7.08
N VAL A 260 -8.67 -21.60 7.53
CA VAL A 260 -7.57 -21.11 6.70
C VAL A 260 -6.56 -22.22 6.48
N GLN A 261 -6.20 -22.93 7.54
N GLN A 261 -6.19 -22.93 7.54
CA GLN A 261 -5.27 -24.04 7.39
CA GLN A 261 -5.27 -24.05 7.38
C GLN A 261 -5.84 -25.13 6.49
C GLN A 261 -5.85 -25.11 6.46
N TRP A 262 -7.14 -25.39 6.63
CA TRP A 262 -7.80 -26.41 5.81
C TRP A 262 -7.72 -26.05 4.33
N LEU A 263 -8.00 -24.78 4.01
CA LEU A 263 -7.95 -24.35 2.62
C LEU A 263 -6.52 -24.36 2.08
N GLU A 264 -5.55 -23.91 2.90
CA GLU A 264 -4.19 -23.78 2.41
C GLU A 264 -3.52 -25.13 2.26
N SER A 265 -3.86 -26.08 3.12
CA SER A 265 -3.24 -27.39 2.99
C SER A 265 -3.71 -28.08 1.71
N ARG A 266 -4.92 -27.77 1.23
CA ARG A 266 -5.43 -28.40 0.01
C ARG A 266 -5.17 -27.59 -1.26
N PHE A 267 -5.23 -26.27 -1.17
CA PHE A 267 -5.14 -25.41 -2.35
C PHE A 267 -4.08 -24.33 -2.19
N GLY A 268 -3.26 -24.40 -1.16
CA GLY A 268 -2.33 -23.35 -0.82
C GLY A 268 -0.92 -23.56 -1.34
N ASP A 269 -0.02 -22.73 -0.81
CA ASP A 269 1.30 -22.51 -1.41
C ASP A 269 2.23 -23.69 -1.18
N ILE B 9 19.80 -14.14 -52.91
CA ILE B 9 18.55 -14.72 -52.41
C ILE B 9 18.35 -14.46 -50.90
N PRO B 10 19.29 -14.84 -50.03
CA PRO B 10 19.09 -14.53 -48.60
C PRO B 10 19.10 -13.02 -48.39
N HIS B 11 18.20 -12.56 -47.51
CA HIS B 11 18.09 -11.15 -47.20
C HIS B 11 19.37 -10.64 -46.54
N THR B 12 19.81 -9.46 -46.95
CA THR B 12 21.03 -8.88 -46.41
C THR B 12 20.73 -7.97 -45.24
N HIS B 13 21.78 -7.74 -44.42
CA HIS B 13 21.70 -6.75 -43.35
C HIS B 13 21.20 -5.41 -43.86
N ALA B 14 21.77 -4.94 -44.98
CA ALA B 14 21.40 -3.64 -45.53
C ALA B 14 19.94 -3.61 -45.92
N HIS B 15 19.44 -4.68 -46.53
N HIS B 15 19.47 -4.69 -46.55
CA HIS B 15 18.05 -4.63 -46.95
CA HIS B 15 18.07 -4.81 -46.96
C HIS B 15 17.08 -4.77 -45.77
C HIS B 15 17.15 -4.70 -45.75
N LEU B 16 17.47 -5.40 -44.67
CA LEU B 16 16.63 -5.39 -43.49
C LEU B 16 16.63 -4.01 -42.82
N VAL B 17 17.80 -3.37 -42.74
CA VAL B 17 17.85 -2.02 -42.18
C VAL B 17 16.93 -1.09 -42.96
N ASP B 18 17.01 -1.15 -44.30
CA ASP B 18 16.15 -0.31 -45.14
C ASP B 18 14.68 -0.62 -44.88
N ALA B 19 14.34 -1.91 -44.81
CA ALA B 19 12.95 -2.31 -44.59
C ALA B 19 12.44 -1.84 -43.23
N PHE B 20 13.25 -1.96 -42.18
CA PHE B 20 12.84 -1.48 -40.87
C PHE B 20 12.61 0.03 -40.91
N GLN B 21 13.50 0.78 -41.57
CA GLN B 21 13.32 2.24 -41.65
C GLN B 21 12.08 2.60 -42.45
N ALA B 22 11.82 1.87 -43.54
CA ALA B 22 10.63 2.16 -44.34
C ALA B 22 9.36 1.91 -43.55
N LEU B 23 9.38 0.91 -42.66
CA LEU B 23 8.22 0.62 -41.83
C LEU B 23 7.94 1.74 -40.83
N GLY B 24 8.95 2.51 -40.46
CA GLY B 24 8.78 3.55 -39.46
C GLY B 24 9.70 3.44 -38.25
N ILE B 25 10.65 2.51 -38.22
N ILE B 25 10.64 2.49 -38.22
CA ILE B 25 11.56 2.43 -37.08
CA ILE B 25 11.60 2.41 -37.13
C ILE B 25 12.60 3.54 -37.20
C ILE B 25 12.56 3.58 -37.22
N ARG B 26 12.83 4.24 -36.09
CA ARG B 26 13.66 5.43 -36.07
C ARG B 26 14.71 5.34 -34.97
N ALA B 27 15.79 6.09 -35.17
CA ALA B 27 16.85 6.18 -34.17
C ALA B 27 16.27 6.59 -32.83
N GLY B 28 16.70 5.90 -31.77
CA GLY B 28 16.34 6.28 -30.42
C GLY B 28 15.08 5.63 -29.89
N GLN B 29 14.30 4.95 -30.72
CA GLN B 29 13.07 4.34 -30.23
C GLN B 29 13.37 3.22 -29.26
N ALA B 30 12.42 2.98 -28.35
CA ALA B 30 12.39 1.78 -27.53
C ALA B 30 11.35 0.85 -28.13
N LEU B 31 11.78 -0.35 -28.47
CA LEU B 31 10.99 -1.23 -29.31
C LEU B 31 10.99 -2.64 -28.71
N MET B 32 9.81 -3.22 -28.61
CA MET B 32 9.63 -4.61 -28.18
C MET B 32 9.32 -5.43 -29.42
N LEU B 33 10.04 -6.53 -29.64
CA LEU B 33 9.90 -7.33 -30.86
C LEU B 33 9.19 -8.65 -30.56
N HIS B 34 8.23 -8.99 -31.41
CA HIS B 34 7.71 -10.36 -31.52
C HIS B 34 7.99 -10.82 -32.94
N ALA B 35 8.54 -12.02 -33.09
CA ALA B 35 9.03 -12.38 -34.41
C ALA B 35 8.88 -13.87 -34.69
N SER B 36 8.86 -14.19 -35.99
CA SER B 36 9.03 -15.53 -36.52
C SER B 36 10.22 -15.51 -37.47
N VAL B 37 11.27 -16.29 -37.15
CA VAL B 37 12.41 -16.36 -38.07
C VAL B 37 11.99 -16.92 -39.43
N LYS B 38 11.16 -17.98 -39.42
CA LYS B 38 10.73 -18.58 -40.68
C LYS B 38 9.95 -17.61 -41.54
N ALA B 39 9.11 -16.77 -40.92
CA ALA B 39 8.31 -15.81 -41.68
C ALA B 39 9.20 -14.80 -42.41
N VAL B 40 10.32 -14.42 -41.79
CA VAL B 40 11.22 -13.48 -42.45
C VAL B 40 11.86 -14.12 -43.68
N GLY B 41 12.08 -15.42 -43.66
CA GLY B 41 12.80 -16.08 -44.73
C GLY B 41 14.30 -16.02 -44.51
N ALA B 42 15.02 -16.70 -45.40
CA ALA B 42 16.46 -16.85 -45.25
C ALA B 42 17.17 -15.50 -45.18
N VAL B 43 17.98 -15.31 -44.14
CA VAL B 43 18.77 -14.11 -43.93
C VAL B 43 20.25 -14.45 -44.03
N MET B 44 21.01 -13.62 -44.73
CA MET B 44 22.44 -13.84 -44.95
C MET B 44 23.22 -13.60 -43.66
N GLY B 45 23.61 -14.68 -42.99
CA GLY B 45 24.17 -14.60 -41.64
C GLY B 45 23.25 -15.12 -40.54
N GLY B 46 22.00 -15.44 -40.84
CA GLY B 46 21.11 -16.05 -39.88
C GLY B 46 20.40 -15.04 -39.01
N PRO B 47 19.66 -15.53 -38.01
CA PRO B 47 18.84 -14.61 -37.18
C PRO B 47 19.61 -13.56 -36.43
N ASN B 48 20.92 -13.75 -36.15
CA ASN B 48 21.73 -12.67 -35.59
C ASN B 48 21.58 -11.37 -36.39
N VAL B 49 21.51 -11.50 -37.71
CA VAL B 49 21.48 -10.32 -38.58
C VAL B 49 20.14 -9.60 -38.47
N ILE B 50 19.05 -10.33 -38.20
CA ILE B 50 17.78 -9.67 -37.90
C ILE B 50 17.95 -8.76 -36.71
N LEU B 51 18.52 -9.30 -35.63
CA LEU B 51 18.70 -8.50 -34.43
C LEU B 51 19.65 -7.34 -34.69
N GLN B 52 20.78 -7.59 -35.38
CA GLN B 52 21.75 -6.52 -35.61
C GLN B 52 21.19 -5.43 -36.52
N ALA B 53 20.46 -5.83 -37.57
CA ALA B 53 19.88 -4.82 -38.46
C ALA B 53 18.90 -3.96 -37.69
N LEU B 54 18.07 -4.58 -36.84
CA LEU B 54 17.13 -3.82 -36.06
C LEU B 54 17.84 -2.89 -35.08
N MET B 55 18.90 -3.36 -34.42
N MET B 55 18.90 -3.37 -34.40
CA MET B 55 19.60 -2.47 -33.50
CA MET B 55 19.67 -2.50 -33.52
C MET B 55 20.42 -1.41 -34.23
C MET B 55 20.31 -1.35 -34.28
N ASP B 56 20.72 -1.60 -35.53
CA ASP B 56 21.37 -0.55 -36.29
C ASP B 56 20.36 0.52 -36.67
N ALA B 57 19.14 0.13 -37.02
CA ALA B 57 18.10 1.13 -37.28
C ALA B 57 17.75 1.91 -36.01
N LEU B 58 17.77 1.23 -34.87
CA LEU B 58 17.47 1.90 -33.60
C LEU B 58 18.64 2.74 -33.11
N THR B 59 19.87 2.42 -33.55
CA THR B 59 21.16 2.96 -33.10
C THR B 59 21.38 2.59 -31.62
N PRO B 60 22.60 2.78 -31.11
CA PRO B 60 22.81 2.55 -29.67
C PRO B 60 21.97 3.46 -28.77
N ASP B 61 21.45 4.59 -29.28
CA ASP B 61 20.55 5.43 -28.50
C ASP B 61 19.17 4.83 -28.37
N GLY B 62 18.83 3.82 -29.16
CA GLY B 62 17.56 3.15 -29.05
C GLY B 62 17.69 1.87 -28.24
N THR B 63 16.57 1.17 -28.09
CA THR B 63 16.52 -0.02 -27.23
C THR B 63 15.66 -1.08 -27.87
N LEU B 64 16.12 -2.32 -27.81
CA LEU B 64 15.37 -3.47 -28.33
C LEU B 64 15.09 -4.44 -27.18
N MET B 65 13.82 -4.81 -27.00
CA MET B 65 13.43 -5.65 -25.87
C MET B 65 12.60 -6.83 -26.38
N MET B 66 12.76 -8.00 -25.74
CA MET B 66 11.88 -9.13 -26.05
C MET B 66 11.46 -9.81 -24.75
N TYR B 67 10.35 -10.52 -24.83
CA TYR B 67 9.88 -11.37 -23.73
C TYR B 67 10.61 -12.71 -23.78
N ALA B 68 11.44 -12.98 -22.77
CA ALA B 68 12.18 -14.23 -22.68
C ALA B 68 11.47 -15.27 -21.81
N GLY B 69 10.99 -14.87 -20.64
CA GLY B 69 10.42 -15.83 -19.72
C GLY B 69 11.46 -16.85 -19.31
N TRP B 70 10.97 -18.04 -18.95
CA TRP B 70 11.87 -19.11 -18.51
C TRP B 70 11.31 -20.41 -19.04
N GLN B 71 12.01 -21.02 -20.00
CA GLN B 71 11.55 -22.23 -20.64
C GLN B 71 11.26 -23.33 -19.63
N ASP B 72 12.02 -23.39 -18.53
CA ASP B 72 11.93 -24.51 -17.60
C ASP B 72 11.30 -24.14 -16.27
N ILE B 73 10.49 -23.10 -16.23
CA ILE B 73 9.88 -22.72 -14.94
C ILE B 73 8.97 -23.84 -14.46
N PRO B 74 9.13 -24.31 -13.23
CA PRO B 74 8.30 -25.40 -12.71
C PRO B 74 7.04 -24.88 -12.04
N ASP B 75 6.29 -24.03 -12.75
CA ASP B 75 5.14 -23.40 -12.14
C ASP B 75 3.93 -24.33 -12.09
N PHE B 76 4.07 -25.56 -12.57
CA PHE B 76 3.00 -26.53 -12.69
C PHE B 76 3.03 -27.59 -11.60
N ILE B 77 3.94 -27.48 -10.63
CA ILE B 77 4.18 -28.64 -9.78
C ILE B 77 3.04 -28.91 -8.80
N ASP B 78 2.18 -27.92 -8.53
CA ASP B 78 1.06 -28.18 -7.61
C ASP B 78 0.09 -29.22 -8.17
N SER B 79 0.08 -29.41 -9.49
CA SER B 79 -0.80 -30.39 -10.11
C SER B 79 -0.23 -31.81 -10.09
N LEU B 80 1.00 -31.99 -9.64
CA LEU B 80 1.61 -33.32 -9.66
C LEU B 80 1.36 -34.06 -8.35
N PRO B 81 1.49 -35.39 -8.35
CA PRO B 81 1.45 -36.14 -7.09
C PRO B 81 2.47 -35.64 -6.10
N ASP B 82 2.14 -35.78 -4.81
CA ASP B 82 3.00 -35.26 -3.74
C ASP B 82 4.42 -35.79 -3.86
N ALA B 83 4.58 -37.06 -4.26
CA ALA B 83 5.92 -37.65 -4.33
C ALA B 83 6.75 -37.02 -5.45
N LEU B 84 6.15 -36.78 -6.61
CA LEU B 84 6.89 -36.13 -7.69
C LEU B 84 7.14 -34.67 -7.35
N LYS B 85 6.12 -33.98 -6.80
CA LYS B 85 6.31 -32.63 -6.28
C LYS B 85 7.49 -32.54 -5.32
N ALA B 86 7.66 -33.54 -4.44
CA ALA B 86 8.77 -33.51 -3.50
C ALA B 86 10.11 -33.51 -4.21
N VAL B 87 10.24 -34.30 -5.28
CA VAL B 87 11.49 -34.32 -6.02
C VAL B 87 11.75 -32.96 -6.67
N TYR B 88 10.72 -32.33 -7.24
CA TYR B 88 10.90 -31.01 -7.83
C TYR B 88 11.40 -30.00 -6.80
N LEU B 89 10.76 -29.99 -5.61
CA LEU B 89 11.17 -29.02 -4.60
C LEU B 89 12.61 -29.21 -4.19
N GLU B 90 13.09 -30.46 -4.21
CA GLU B 90 14.47 -30.78 -3.82
C GLU B 90 15.46 -30.54 -4.95
N GLN B 91 15.10 -30.89 -6.18
CA GLN B 91 16.08 -31.02 -7.26
C GLN B 91 15.96 -29.99 -8.38
N HIS B 92 14.82 -29.32 -8.54
CA HIS B 92 14.71 -28.39 -9.67
C HIS B 92 15.63 -27.19 -9.45
N PRO B 93 16.39 -26.76 -10.46
CA PRO B 93 17.27 -25.61 -10.27
C PRO B 93 16.48 -24.32 -10.10
N PRO B 94 17.05 -23.33 -9.45
CA PRO B 94 16.38 -22.02 -9.39
C PRO B 94 16.54 -21.23 -10.68
N PHE B 95 15.68 -20.22 -10.82
CA PHE B 95 15.85 -19.24 -11.87
C PHE B 95 17.17 -18.51 -11.62
N ASP B 96 18.17 -18.71 -12.50
CA ASP B 96 19.40 -17.94 -12.51
C ASP B 96 19.37 -17.08 -13.76
N PRO B 97 19.25 -15.75 -13.65
CA PRO B 97 19.09 -14.94 -14.87
C PRO B 97 20.25 -15.08 -15.83
N ALA B 98 21.42 -15.55 -15.37
CA ALA B 98 22.56 -15.71 -16.26
C ALA B 98 22.38 -16.89 -17.22
N THR B 99 21.61 -17.90 -16.81
CA THR B 99 21.48 -19.13 -17.59
C THR B 99 20.05 -19.54 -17.95
N ALA B 100 19.02 -19.01 -17.30
CA ALA B 100 17.68 -19.52 -17.54
C ALA B 100 17.31 -19.30 -19.01
N ARG B 101 16.99 -20.39 -19.72
CA ARG B 101 16.75 -20.27 -21.15
C ARG B 101 15.40 -19.62 -21.42
N ALA B 102 15.34 -18.87 -22.53
CA ALA B 102 14.09 -18.24 -22.94
C ALA B 102 13.08 -19.29 -23.40
N VAL B 103 11.80 -19.00 -23.18
CA VAL B 103 10.74 -19.88 -23.65
C VAL B 103 10.87 -20.10 -25.15
N ARG B 104 10.87 -21.37 -25.56
CA ARG B 104 11.13 -21.67 -26.97
C ARG B 104 10.06 -21.09 -27.87
N GLU B 105 8.80 -21.14 -27.45
N GLU B 105 8.80 -21.14 -27.45
CA GLU B 105 7.69 -20.60 -28.24
CA GLU B 105 7.69 -20.61 -28.22
C GLU B 105 7.73 -19.07 -28.35
C GLU B 105 7.67 -19.08 -28.28
N ASN B 106 8.62 -18.40 -27.63
CA ASN B 106 8.77 -16.95 -27.73
C ASN B 106 9.68 -16.54 -28.88
N SER B 107 10.09 -17.49 -29.71
CA SER B 107 11.03 -17.43 -30.84
C SER B 107 12.46 -17.62 -30.37
N VAL B 108 13.22 -18.36 -31.17
CA VAL B 108 14.65 -18.47 -30.89
C VAL B 108 15.30 -17.10 -30.84
N LEU B 109 14.70 -16.09 -31.49
CA LEU B 109 15.25 -14.73 -31.42
C LEU B 109 15.28 -14.21 -29.99
N ALA B 110 14.31 -14.62 -29.15
CA ALA B 110 14.33 -14.18 -27.75
C ALA B 110 15.54 -14.75 -27.02
N GLU B 111 15.87 -16.01 -27.27
CA GLU B 111 17.07 -16.61 -26.67
C GLU B 111 18.34 -15.99 -27.25
N PHE B 112 18.32 -15.67 -28.54
CA PHE B 112 19.46 -14.98 -29.16
C PHE B 112 19.69 -13.61 -28.52
N LEU B 113 18.61 -12.86 -28.27
CA LEU B 113 18.77 -11.54 -27.66
C LEU B 113 19.18 -11.66 -26.20
N ARG B 114 18.65 -12.68 -25.51
CA ARG B 114 19.00 -12.91 -24.11
C ARG B 114 20.49 -13.15 -23.94
N THR B 115 21.14 -13.74 -24.95
CA THR B 115 22.57 -14.01 -24.87
C THR B 115 23.40 -13.00 -25.69
N TRP B 116 22.82 -11.84 -26.02
CA TRP B 116 23.51 -10.81 -26.79
C TRP B 116 24.44 -10.00 -25.88
N PRO B 117 25.60 -9.53 -26.38
CA PRO B 117 26.44 -8.67 -25.55
C PRO B 117 25.71 -7.44 -25.00
N VAL B 119 23.39 -7.21 -22.84
CA VAL B 119 21.98 -7.41 -22.53
C VAL B 119 21.72 -7.16 -21.02
N HIS B 120 20.52 -6.67 -20.72
CA HIS B 120 20.00 -6.60 -19.36
C HIS B 120 18.75 -7.46 -19.27
N ARG B 121 18.57 -8.13 -18.12
CA ARG B 121 17.43 -9.05 -17.97
C ARG B 121 16.65 -8.72 -16.71
N SER B 122 15.32 -8.68 -16.83
CA SER B 122 14.49 -8.37 -15.67
C SER B 122 14.31 -9.60 -14.78
N ALA B 123 14.01 -9.35 -13.51
CA ALA B 123 14.20 -10.37 -12.48
C ALA B 123 13.01 -11.32 -12.32
N ASN B 124 11.85 -10.97 -12.84
CA ASN B 124 10.67 -11.82 -12.71
C ASN B 124 10.83 -13.06 -13.59
N PRO B 125 10.91 -14.27 -13.04
CA PRO B 125 11.22 -15.45 -13.90
C PRO B 125 10.19 -15.68 -14.99
N GLU B 126 8.91 -15.81 -14.62
CA GLU B 126 7.91 -16.14 -15.60
C GLU B 126 7.74 -15.04 -16.65
N ALA B 127 7.89 -13.77 -16.23
CA ALA B 127 7.65 -12.63 -17.11
C ALA B 127 8.94 -11.96 -17.56
N SER B 128 10.07 -12.67 -17.50
CA SER B 128 11.36 -12.04 -17.70
C SER B 128 11.47 -11.42 -19.09
N MET B 129 11.93 -10.18 -19.14
CA MET B 129 12.24 -9.42 -20.34
C MET B 129 13.75 -9.22 -20.48
N VAL B 130 14.22 -9.22 -21.74
CA VAL B 130 15.63 -8.98 -22.03
C VAL B 130 15.70 -7.79 -22.97
N ALA B 131 16.74 -6.97 -22.81
CA ALA B 131 16.80 -5.76 -23.62
C ALA B 131 18.25 -5.36 -23.86
N VAL B 132 18.51 -4.74 -25.01
CA VAL B 132 19.83 -4.22 -25.37
C VAL B 132 19.64 -2.78 -25.85
N GLY B 133 20.43 -1.86 -25.30
CA GLY B 133 20.36 -0.47 -25.76
C GLY B 133 20.34 0.52 -24.61
N ARG B 134 20.10 1.80 -24.95
N ARG B 134 20.20 1.83 -24.89
CA ARG B 134 20.31 2.88 -23.99
CA ARG B 134 20.42 2.79 -23.81
C ARG B 134 19.36 2.82 -22.81
C ARG B 134 19.36 2.69 -22.72
N GLN B 135 18.12 2.35 -23.02
N GLN B 135 18.13 2.30 -23.06
CA GLN B 135 17.16 2.20 -21.94
CA GLN B 135 17.09 2.15 -22.05
C GLN B 135 16.97 0.75 -21.49
C GLN B 135 16.92 0.71 -21.59
N ALA B 136 17.94 -0.14 -21.81
CA ALA B 136 17.77 -1.55 -21.45
C ALA B 136 17.75 -1.74 -19.93
N ALA B 137 18.67 -1.10 -19.20
CA ALA B 137 18.64 -1.16 -17.74
C ALA B 137 17.36 -0.54 -17.16
N LEU B 138 16.96 0.62 -17.68
CA LEU B 138 15.74 1.27 -17.21
C LEU B 138 14.53 0.34 -17.36
N LEU B 139 14.37 -0.24 -18.56
CA LEU B 139 13.17 -1.04 -18.80
C LEU B 139 13.13 -2.29 -17.93
N THR B 140 14.27 -2.88 -17.62
CA THR B 140 14.32 -4.16 -16.92
C THR B 140 14.46 -4.04 -15.41
N ALA B 141 14.59 -2.82 -14.88
CA ALA B 141 14.86 -2.62 -13.46
C ALA B 141 13.64 -2.87 -12.58
N ASN B 142 13.88 -3.43 -11.39
CA ASN B 142 12.85 -3.50 -10.34
C ASN B 142 11.57 -4.18 -10.83
N HIS B 143 11.73 -5.26 -11.59
CA HIS B 143 10.58 -6.00 -12.10
C HIS B 143 10.04 -6.87 -10.97
N ALA B 144 8.92 -6.43 -10.40
CA ALA B 144 8.34 -7.11 -9.25
C ALA B 144 7.91 -8.54 -9.60
N LEU B 145 8.08 -9.43 -8.62
CA LEU B 145 7.71 -10.83 -8.83
C LEU B 145 6.20 -11.00 -8.93
N ASP B 146 5.43 -10.31 -8.10
CA ASP B 146 3.97 -10.42 -8.20
C ASP B 146 3.45 -9.49 -9.29
N TYR B 147 2.42 -9.94 -9.99
CA TYR B 147 1.77 -9.15 -11.06
C TYR B 147 2.81 -8.64 -12.07
N GLY B 148 3.50 -9.60 -12.69
CA GLY B 148 4.64 -9.32 -13.57
C GLY B 148 4.30 -8.63 -14.88
N TYR B 149 3.02 -8.43 -15.20
CA TYR B 149 2.63 -7.67 -16.38
C TYR B 149 1.96 -6.38 -15.96
N GLY B 150 2.11 -6.01 -14.71
CA GLY B 150 1.37 -4.91 -14.10
C GLY B 150 2.20 -3.64 -13.96
N VAL B 151 1.91 -2.89 -12.90
CA VAL B 151 2.46 -1.54 -12.74
C VAL B 151 3.98 -1.54 -12.59
N GLU B 152 4.57 -2.60 -12.02
CA GLU B 152 6.01 -2.64 -11.78
C GLU B 152 6.77 -3.42 -12.84
N SER B 153 6.37 -3.36 -14.09
CA SER B 153 6.87 -4.26 -15.11
C SER B 153 7.56 -3.50 -16.24
N PRO B 154 8.38 -4.17 -17.04
CA PRO B 154 8.95 -3.51 -18.23
C PRO B 154 7.90 -3.09 -19.22
N LEU B 155 6.74 -3.74 -19.23
CA LEU B 155 5.68 -3.32 -20.15
C LEU B 155 5.10 -1.98 -19.72
N ALA B 156 4.89 -1.79 -18.41
CA ALA B 156 4.46 -0.49 -17.92
C ALA B 156 5.47 0.58 -18.32
N LYS B 157 6.76 0.26 -18.22
CA LYS B 157 7.78 1.26 -18.52
C LYS B 157 7.84 1.55 -20.01
N LEU B 158 7.66 0.52 -20.85
CA LEU B 158 7.61 0.74 -22.30
C LEU B 158 6.48 1.69 -22.67
N VAL B 159 5.32 1.55 -22.02
CA VAL B 159 4.23 2.49 -22.24
C VAL B 159 4.60 3.90 -21.78
N ALA B 160 5.21 3.99 -20.60
CA ALA B 160 5.51 5.28 -19.99
C ALA B 160 6.53 6.09 -20.80
N ILE B 161 7.48 5.42 -21.44
CA ILE B 161 8.50 6.13 -22.20
C ILE B 161 8.09 6.20 -23.66
N GLU B 162 6.84 5.81 -23.95
CA GLU B 162 6.26 5.89 -25.30
C GLU B 162 7.08 5.11 -26.32
N GLY B 163 7.30 3.83 -25.99
CA GLY B 163 7.93 2.89 -26.89
C GLY B 163 6.96 2.30 -27.90
N TYR B 164 7.43 1.28 -28.61
CA TYR B 164 6.71 0.67 -29.72
C TYR B 164 6.79 -0.85 -29.62
N VAL B 165 5.88 -1.51 -30.36
CA VAL B 165 5.86 -2.96 -30.49
C VAL B 165 5.97 -3.28 -31.99
N LEU B 166 6.92 -4.15 -32.35
CA LEU B 166 7.10 -4.56 -33.75
C LEU B 166 6.73 -6.02 -33.87
N MET B 167 5.75 -6.32 -34.73
CA MET B 167 5.39 -7.70 -35.04
C MET B 167 6.07 -8.06 -36.36
N LEU B 168 7.00 -9.01 -36.30
CA LEU B 168 7.78 -9.37 -37.47
C LEU B 168 7.39 -10.79 -37.88
N GLY B 169 6.30 -10.91 -38.64
CA GLY B 169 5.79 -12.22 -38.99
C GLY B 169 5.23 -13.03 -37.83
N ALA B 170 4.99 -12.40 -36.68
CA ALA B 170 4.43 -13.03 -35.48
C ALA B 170 2.92 -12.89 -35.48
N PRO B 171 2.18 -13.90 -35.01
CA PRO B 171 0.72 -13.78 -34.94
C PRO B 171 0.33 -12.64 -34.00
N LEU B 172 -0.77 -11.96 -34.34
CA LEU B 172 -1.18 -10.84 -33.52
C LEU B 172 -1.62 -11.24 -32.12
N ASP B 173 -1.99 -12.51 -31.91
N ASP B 173 -1.99 -12.49 -31.88
CA ASP B 173 -2.34 -13.03 -30.59
CA ASP B 173 -2.35 -12.85 -30.51
C ASP B 173 -1.15 -13.05 -29.63
C ASP B 173 -1.13 -13.04 -29.61
N THR B 174 0.09 -12.87 -30.11
CA THR B 174 1.27 -13.01 -29.26
C THR B 174 1.76 -11.69 -28.65
N ILE B 175 1.00 -10.60 -28.72
CA ILE B 175 1.44 -9.32 -28.15
C ILE B 175 1.36 -9.35 -26.63
N THR B 176 2.51 -9.57 -25.98
CA THR B 176 2.56 -9.68 -24.52
C THR B 176 2.06 -8.42 -23.85
N LEU B 177 2.26 -7.26 -24.50
CA LEU B 177 1.79 -6.00 -23.94
C LEU B 177 0.30 -6.04 -23.61
N LEU B 178 -0.49 -6.84 -24.33
CA LEU B 178 -1.91 -6.88 -23.99
C LEU B 178 -2.19 -7.53 -22.64
N HIS B 179 -1.24 -8.29 -22.08
CA HIS B 179 -1.42 -8.72 -20.70
C HIS B 179 -1.35 -7.53 -19.75
N HIS B 180 -0.59 -6.50 -20.13
CA HIS B 180 -0.55 -5.28 -19.35
C HIS B 180 -1.87 -4.54 -19.45
N ALA B 181 -2.49 -4.58 -20.63
CA ALA B 181 -3.83 -4.01 -20.77
C ALA B 181 -4.84 -4.76 -19.91
N GLU B 182 -4.75 -6.08 -19.85
CA GLU B 182 -5.60 -6.85 -18.94
C GLU B 182 -5.43 -6.40 -17.49
N TYR B 183 -4.17 -6.19 -17.07
CA TYR B 183 -3.90 -5.77 -15.70
C TYR B 183 -4.56 -4.43 -15.40
N LEU B 184 -4.47 -3.49 -16.34
CA LEU B 184 -5.01 -2.13 -16.12
C LEU B 184 -6.54 -2.10 -16.16
N ALA B 185 -7.15 -2.95 -16.98
CA ALA B 185 -8.56 -2.78 -17.27
C ALA B 185 -9.44 -3.19 -16.10
N LYS B 186 -10.45 -2.39 -15.80
N LYS B 186 -10.45 -2.38 -15.80
CA LYS B 186 -11.42 -2.74 -14.78
CA LYS B 186 -11.43 -2.73 -14.78
C LYS B 186 -12.49 -3.63 -15.39
C LYS B 186 -12.48 -3.63 -15.41
N MET B 187 -12.58 -4.87 -14.91
CA MET B 187 -13.32 -5.93 -15.60
C MET B 187 -14.17 -6.67 -14.57
N ARG B 188 -15.30 -7.20 -15.04
CA ARG B 188 -16.27 -7.86 -14.17
C ARG B 188 -15.69 -9.11 -13.50
N HIS B 189 -14.75 -9.80 -14.16
CA HIS B 189 -14.17 -11.01 -13.58
C HIS B 189 -12.68 -11.09 -13.92
N LYS B 190 -11.86 -11.39 -12.92
CA LYS B 190 -10.45 -11.71 -13.13
C LYS B 190 -10.09 -12.98 -12.38
N ASN B 191 -9.23 -13.80 -13.00
CA ASN B 191 -8.63 -14.95 -12.33
C ASN B 191 -7.29 -14.54 -11.74
N VAL B 192 -7.11 -14.78 -10.45
CA VAL B 192 -5.83 -14.56 -9.77
C VAL B 192 -5.24 -15.92 -9.44
N VAL B 193 -3.96 -16.11 -9.77
CA VAL B 193 -3.27 -17.37 -9.51
C VAL B 193 -2.09 -17.13 -8.56
N ARG B 194 -1.74 -18.19 -7.82
CA ARG B 194 -0.52 -18.23 -7.02
C ARG B 194 0.19 -19.51 -7.40
N TYR B 195 1.49 -19.40 -7.69
CA TYR B 195 2.21 -20.57 -8.16
C TYR B 195 3.61 -20.54 -7.58
N PRO B 196 4.25 -21.70 -7.42
CA PRO B 196 5.59 -21.75 -6.85
C PRO B 196 6.67 -21.51 -7.90
N CYS B 197 7.78 -20.94 -7.44
CA CYS B 197 8.96 -20.74 -8.32
C CYS B 197 10.23 -20.70 -7.50
N PRO B 198 11.30 -21.43 -7.91
CA PRO B 198 12.56 -21.35 -7.19
C PRO B 198 13.39 -20.20 -7.76
N ILE B 199 13.95 -19.36 -6.88
CA ILE B 199 14.77 -18.23 -7.29
C ILE B 199 16.05 -18.24 -6.46
N LEU B 200 16.94 -17.30 -6.78
CA LEU B 200 18.14 -17.09 -6.00
C LEU B 200 17.94 -15.92 -5.07
N ARG B 201 18.28 -16.10 -3.80
CA ARG B 201 18.25 -15.03 -2.81
C ARG B 201 19.53 -15.13 -2.01
N ASP B 202 20.40 -14.13 -2.14
CA ASP B 202 21.72 -14.15 -1.51
C ASP B 202 22.48 -15.41 -1.92
N GLY B 203 22.45 -15.70 -3.22
CA GLY B 203 23.18 -16.83 -3.77
C GLY B 203 22.67 -18.20 -3.41
N ARG B 204 21.55 -18.30 -2.71
CA ARG B 204 20.97 -19.58 -2.34
C ARG B 204 19.62 -19.76 -3.01
N LYS B 205 19.32 -21.00 -3.40
CA LYS B 205 18.00 -21.32 -3.93
C LYS B 205 16.94 -21.23 -2.85
N VAL B 206 15.88 -20.50 -3.12
N VAL B 206 15.87 -20.52 -3.14
CA VAL B 206 14.73 -20.42 -2.23
CA VAL B 206 14.72 -20.37 -2.25
C VAL B 206 13.47 -20.50 -3.07
C VAL B 206 13.46 -20.52 -3.10
N TRP B 207 12.50 -21.26 -2.59
CA TRP B 207 11.20 -21.36 -3.24
C TRP B 207 10.31 -20.26 -2.71
N VAL B 208 9.71 -19.51 -3.62
CA VAL B 208 8.75 -18.47 -3.27
C VAL B 208 7.45 -18.74 -4.00
N THR B 209 6.39 -18.11 -3.52
CA THR B 209 5.11 -18.13 -4.20
C THR B 209 4.92 -16.80 -4.92
N VAL B 210 4.58 -16.87 -6.20
CA VAL B 210 4.31 -15.70 -7.04
C VAL B 210 2.80 -15.59 -7.20
N GLU B 211 2.28 -14.36 -7.03
CA GLU B 211 0.87 -14.09 -7.31
C GLU B 211 0.77 -13.24 -8.58
N ASP B 212 -0.18 -13.57 -9.45
CA ASP B 212 -0.31 -12.84 -10.71
C ASP B 212 -1.73 -13.04 -11.19
N TYR B 213 -2.14 -12.21 -12.13
CA TYR B 213 -3.32 -12.56 -12.90
C TYR B 213 -2.97 -13.74 -13.78
N ASP B 214 -3.91 -14.64 -13.96
CA ASP B 214 -3.76 -15.71 -14.93
C ASP B 214 -3.41 -15.10 -16.27
N THR B 215 -2.32 -15.57 -16.88
CA THR B 215 -2.00 -15.14 -18.24
C THR B 215 -2.06 -16.29 -19.23
N GLY B 216 -2.54 -17.46 -18.79
CA GLY B 216 -2.64 -18.61 -19.66
C GLY B 216 -3.97 -18.66 -20.39
N ASP B 217 -5.00 -18.08 -19.80
CA ASP B 217 -6.31 -17.98 -20.42
C ASP B 217 -6.83 -16.58 -20.22
N PRO B 218 -7.71 -16.10 -21.11
CA PRO B 218 -8.31 -14.78 -20.91
C PRO B 218 -9.24 -14.77 -19.70
N HIS B 219 -9.45 -13.57 -19.17
CA HIS B 219 -10.34 -13.40 -18.01
C HIS B 219 -11.81 -13.42 -18.39
N ASP B 220 -12.11 -13.36 -19.67
CA ASP B 220 -13.48 -13.34 -20.13
C ASP B 220 -13.48 -13.81 -21.58
N ASP B 221 -14.57 -13.54 -22.29
CA ASP B 221 -14.79 -14.12 -23.61
C ASP B 221 -14.15 -13.23 -24.68
N TYR B 222 -12.82 -13.33 -24.78
CA TYR B 222 -12.07 -12.56 -25.77
C TYR B 222 -10.76 -13.26 -26.06
N SER B 223 -10.10 -12.81 -27.13
CA SER B 223 -8.73 -13.21 -27.43
C SER B 223 -7.93 -11.97 -27.82
N PHE B 224 -6.61 -12.06 -27.67
CA PHE B 224 -5.75 -10.95 -28.07
C PHE B 224 -5.79 -10.73 -29.58
N GLU B 225 -5.94 -11.81 -30.35
CA GLU B 225 -6.13 -11.70 -31.80
C GLU B 225 -7.28 -10.75 -32.16
N GLN B 226 -8.41 -10.87 -31.45
CA GLN B 226 -9.54 -10.00 -31.74
C GLN B 226 -9.20 -8.55 -31.48
N ILE B 227 -8.58 -8.28 -30.32
CA ILE B 227 -8.26 -6.92 -29.95
C ILE B 227 -7.33 -6.31 -30.97
N ALA B 228 -6.28 -7.05 -31.32
CA ALA B 228 -5.29 -6.50 -32.23
C ALA B 228 -5.86 -6.32 -33.63
N ARG B 229 -6.65 -7.28 -34.11
CA ARG B 229 -7.30 -7.15 -35.41
C ARG B 229 -8.21 -5.92 -35.45
N ASP B 230 -8.96 -5.69 -34.37
CA ASP B 230 -9.81 -4.50 -34.29
C ASP B 230 -8.98 -3.23 -34.28
N TYR B 231 -7.85 -3.25 -33.56
CA TYR B 231 -6.96 -2.08 -33.54
C TYR B 231 -6.48 -1.76 -34.95
N VAL B 232 -6.02 -2.78 -35.69
CA VAL B 232 -5.52 -2.57 -37.04
C VAL B 232 -6.64 -2.08 -37.95
N ALA B 233 -7.83 -2.67 -37.79
CA ALA B 233 -8.94 -2.34 -38.66
C ALA B 233 -9.39 -0.88 -38.52
N GLN B 234 -9.23 -0.28 -37.34
CA GLN B 234 -9.57 1.14 -37.16
C GLN B 234 -8.37 2.05 -37.39
N GLY B 235 -7.35 1.58 -38.10
CA GLY B 235 -6.24 2.42 -38.49
C GLY B 235 -5.05 2.42 -37.57
N GLY B 236 -4.99 1.48 -36.62
CA GLY B 236 -3.90 1.49 -35.65
C GLY B 236 -2.62 0.94 -36.26
N GLY B 237 -1.52 1.65 -36.06
CA GLY B 237 -0.22 1.16 -36.45
C GLY B 237 0.11 1.33 -37.92
N THR B 238 1.32 0.88 -38.26
N THR B 238 1.33 0.90 -38.26
CA THR B 238 1.81 0.89 -39.63
CA THR B 238 1.78 0.88 -39.64
C THR B 238 2.15 -0.54 -40.04
C THR B 238 2.10 -0.56 -40.04
N ARG B 239 1.99 -0.83 -41.33
CA ARG B 239 2.18 -2.17 -41.87
C ARG B 239 3.17 -2.12 -43.01
N GLY B 240 3.95 -3.18 -43.18
CA GLY B 240 4.88 -3.26 -44.29
C GLY B 240 5.57 -4.61 -44.28
N LYS B 241 6.37 -4.84 -45.31
N LYS B 241 6.37 -4.84 -45.31
CA LYS B 241 7.09 -6.10 -45.40
CA LYS B 241 7.11 -6.08 -45.41
C LYS B 241 8.54 -5.92 -44.94
C LYS B 241 8.53 -5.90 -44.93
N VAL B 242 9.06 -6.93 -44.26
CA VAL B 242 10.44 -7.00 -43.85
C VAL B 242 10.89 -8.41 -44.22
N GLY B 243 11.83 -8.50 -45.14
CA GLY B 243 12.11 -9.79 -45.73
C GLY B 243 10.83 -10.34 -46.34
N ASP B 244 10.54 -11.60 -46.07
CA ASP B 244 9.30 -12.22 -46.53
C ASP B 244 8.13 -12.01 -45.57
N ALA B 245 8.32 -11.31 -44.44
CA ALA B 245 7.34 -11.26 -43.36
C ALA B 245 6.44 -10.05 -43.46
N ASP B 246 5.15 -10.25 -43.17
CA ASP B 246 4.23 -9.15 -42.88
C ASP B 246 4.62 -8.53 -41.54
N ALA B 247 4.91 -7.23 -41.52
CA ALA B 247 5.29 -6.57 -40.26
C ALA B 247 4.27 -5.52 -39.87
N TYR B 248 4.08 -5.38 -38.56
CA TYR B 248 3.22 -4.35 -37.97
C TYR B 248 4.02 -3.57 -36.94
N LEU B 249 3.88 -2.25 -36.95
CA LEU B 249 4.55 -1.38 -35.98
C LEU B 249 3.48 -0.60 -35.23
N PHE B 250 3.42 -0.79 -33.91
CA PHE B 250 2.42 -0.19 -33.05
C PHE B 250 3.07 0.70 -32.00
N ALA B 251 2.45 1.84 -31.70
CA ALA B 251 2.85 2.64 -30.55
C ALA B 251 2.30 1.99 -29.29
N ALA B 252 3.18 1.73 -28.31
CA ALA B 252 2.75 0.98 -27.14
C ALA B 252 1.67 1.71 -26.36
N GLN B 253 1.80 3.04 -26.23
CA GLN B 253 0.82 3.81 -25.48
C GLN B 253 -0.55 3.79 -26.16
N ASP B 254 -0.59 4.00 -27.48
CA ASP B 254 -1.88 4.01 -28.15
C ASP B 254 -2.54 2.63 -28.15
N LEU B 255 -1.75 1.58 -28.38
CA LEU B 255 -2.30 0.22 -28.36
C LEU B 255 -2.83 -0.14 -26.98
N THR B 256 -2.09 0.16 -25.92
CA THR B 256 -2.55 -0.15 -24.56
C THR B 256 -3.84 0.58 -24.24
N ARG B 257 -3.90 1.88 -24.56
CA ARG B 257 -5.12 2.65 -24.33
C ARG B 257 -6.30 2.03 -25.09
N PHE B 258 -6.09 1.67 -26.36
CA PHE B 258 -7.15 1.05 -27.15
C PHE B 258 -7.62 -0.25 -26.53
N ALA B 259 -6.66 -1.10 -26.12
CA ALA B 259 -7.01 -2.41 -25.58
C ALA B 259 -7.74 -2.30 -24.24
N VAL B 260 -7.33 -1.34 -23.40
CA VAL B 260 -8.03 -1.15 -22.12
C VAL B 260 -9.46 -0.71 -22.37
N GLN B 261 -9.66 0.25 -23.29
CA GLN B 261 -11.01 0.67 -23.63
C GLN B 261 -11.81 -0.48 -24.24
N TRP B 262 -11.17 -1.28 -25.08
CA TRP B 262 -11.85 -2.41 -25.71
C TRP B 262 -12.36 -3.39 -24.66
N LEU B 263 -11.50 -3.73 -23.70
CA LEU B 263 -11.90 -4.65 -22.64
C LEU B 263 -12.97 -4.04 -21.74
N GLU B 264 -12.82 -2.77 -21.37
CA GLU B 264 -13.76 -2.18 -20.42
C GLU B 264 -15.11 -1.95 -21.09
N SER B 265 -15.13 -1.66 -22.38
CA SER B 265 -16.42 -1.48 -23.02
C SER B 265 -17.21 -2.77 -23.08
N ARG B 266 -16.55 -3.92 -23.15
CA ARG B 266 -17.23 -5.21 -23.24
C ARG B 266 -17.43 -5.88 -21.90
N PHE B 267 -16.48 -5.74 -20.99
CA PHE B 267 -16.51 -6.46 -19.74
C PHE B 267 -16.36 -5.53 -18.54
N GLY B 268 -16.45 -4.22 -18.75
CA GLY B 268 -16.15 -3.25 -17.72
C GLY B 268 -17.37 -2.76 -16.96
N ASP B 269 -17.14 -1.72 -16.15
CA ASP B 269 -18.03 -1.37 -15.03
C ASP B 269 -19.39 -0.82 -15.49
N ILE C 9 16.82 47.52 -30.31
CA ILE C 9 16.12 46.42 -30.96
C ILE C 9 16.07 45.21 -30.04
N PRO C 10 14.86 44.72 -29.76
CA PRO C 10 14.73 43.50 -28.95
C PRO C 10 15.35 42.31 -29.66
N HIS C 11 15.85 41.37 -28.88
CA HIS C 11 16.46 40.17 -29.46
C HIS C 11 15.42 39.40 -30.25
N THR C 12 15.82 38.92 -31.42
CA THR C 12 14.93 38.19 -32.30
C THR C 12 15.05 36.70 -32.10
N HIS C 13 14.01 35.99 -32.55
CA HIS C 13 14.07 34.53 -32.59
C HIS C 13 15.34 34.03 -33.28
N ALA C 14 15.63 34.58 -34.47
CA ALA C 14 16.79 34.09 -35.22
C ALA C 14 18.07 34.33 -34.45
N HIS C 15 18.20 35.49 -33.81
N HIS C 15 18.18 35.49 -33.82
CA HIS C 15 19.45 35.77 -33.12
CA HIS C 15 19.37 35.87 -33.06
C HIS C 15 19.63 34.87 -31.89
C HIS C 15 19.61 34.91 -31.89
N LEU C 16 18.52 34.47 -31.25
CA LEU C 16 18.63 33.55 -30.12
C LEU C 16 18.98 32.13 -30.58
N VAL C 17 18.35 31.64 -31.66
CA VAL C 17 18.71 30.34 -32.20
C VAL C 17 20.20 30.32 -32.51
N ASP C 18 20.67 31.38 -33.19
CA ASP C 18 22.07 31.43 -33.61
C ASP C 18 23.01 31.44 -32.41
N ALA C 19 22.66 32.21 -31.38
CA ALA C 19 23.48 32.24 -30.16
C ALA C 19 23.46 30.90 -29.44
N PHE C 20 22.31 30.23 -29.39
CA PHE C 20 22.27 28.89 -28.79
C PHE C 20 23.19 27.94 -29.54
N GLN C 21 23.14 28.00 -30.87
CA GLN C 21 24.02 27.12 -31.65
C GLN C 21 25.48 27.48 -31.44
N ALA C 22 25.81 28.77 -31.35
CA ALA C 22 27.21 29.16 -31.14
C ALA C 22 27.73 28.66 -29.80
N LEU C 23 26.87 28.64 -28.79
CA LEU C 23 27.28 28.16 -27.47
C LEU C 23 27.59 26.67 -27.48
N GLY C 24 26.99 25.92 -28.40
CA GLY C 24 27.19 24.49 -28.48
C GLY C 24 25.93 23.64 -28.39
N ILE C 25 24.75 24.24 -28.40
N ILE C 25 24.76 24.23 -28.44
CA ILE C 25 23.51 23.48 -28.50
CA ILE C 25 23.55 23.42 -28.47
C ILE C 25 23.45 22.82 -29.88
C ILE C 25 23.38 22.84 -29.86
N ARG C 26 23.07 21.55 -29.91
CA ARG C 26 23.05 20.79 -31.16
C ARG C 26 21.77 20.00 -31.28
N ALA C 27 21.43 19.70 -32.54
CA ALA C 27 20.25 18.91 -32.82
C ALA C 27 20.29 17.60 -32.06
N GLY C 28 19.17 17.27 -31.44
CA GLY C 28 18.99 15.98 -30.80
C GLY C 28 19.39 15.91 -29.34
N GLN C 29 20.02 16.95 -28.80
CA GLN C 29 20.41 16.95 -27.39
C GLN C 29 19.19 16.96 -26.50
N ALA C 30 19.34 16.39 -25.31
CA ALA C 30 18.38 16.56 -24.23
C ALA C 30 18.96 17.61 -23.28
N LEU C 31 18.18 18.66 -23.00
CA LEU C 31 18.72 19.84 -22.34
C LEU C 31 17.79 20.31 -21.25
N MET C 32 18.33 20.55 -20.06
CA MET C 32 17.57 21.12 -18.96
C MET C 32 17.98 22.58 -18.80
N LEU C 33 17.00 23.49 -18.75
CA LEU C 33 17.26 24.91 -18.76
C LEU C 33 16.98 25.53 -17.39
N HIS C 34 17.90 26.38 -16.92
CA HIS C 34 17.66 27.32 -15.84
C HIS C 34 17.86 28.72 -16.40
N ALA C 35 16.93 29.64 -16.14
CA ALA C 35 16.99 30.91 -16.85
C ALA C 35 16.51 32.08 -16.00
N SER C 36 16.95 33.28 -16.40
CA SER C 36 16.37 34.54 -15.94
C SER C 36 15.91 35.30 -17.18
N VAL C 37 14.61 35.58 -17.27
CA VAL C 37 14.10 36.34 -18.40
C VAL C 37 14.71 37.74 -18.40
N LYS C 38 14.84 38.36 -17.22
CA LYS C 38 15.39 39.70 -17.14
C LYS C 38 16.85 39.74 -17.61
N ALA C 39 17.61 38.70 -17.27
CA ALA C 39 19.02 38.65 -17.66
C ALA C 39 19.18 38.60 -19.18
N VAL C 40 18.26 37.92 -19.87
CA VAL C 40 18.32 37.82 -21.33
C VAL C 40 18.08 39.19 -21.98
N GLY C 41 17.23 40.01 -21.36
CA GLY C 41 16.82 41.26 -21.94
C GLY C 41 15.61 41.11 -22.87
N ALA C 42 15.11 42.25 -23.34
CA ALA C 42 13.89 42.29 -24.13
C ALA C 42 13.99 41.38 -25.35
N VAL C 43 13.01 40.50 -25.51
CA VAL C 43 12.94 39.56 -26.63
C VAL C 43 11.71 39.91 -27.46
N MET C 44 11.87 39.95 -28.79
CA MET C 44 10.79 40.31 -29.71
C MET C 44 9.78 39.18 -29.73
N GLY C 45 8.63 39.35 -29.05
CA GLY C 45 7.67 38.28 -28.87
C GLY C 45 7.61 37.71 -27.47
N GLY C 46 8.51 38.11 -26.57
CA GLY C 46 8.46 37.71 -25.18
C GLY C 46 9.12 36.37 -24.91
N PRO C 47 8.98 35.89 -23.67
CA PRO C 47 9.70 34.66 -23.26
C PRO C 47 9.33 33.43 -24.05
N ASN C 48 8.13 33.36 -24.66
CA ASN C 48 7.82 32.25 -25.58
C ASN C 48 8.94 32.06 -26.59
N VAL C 49 9.52 33.16 -27.07
CA VAL C 49 10.50 33.09 -28.14
C VAL C 49 11.80 32.48 -27.64
N ILE C 50 12.13 32.70 -26.35
CA ILE C 50 13.28 32.02 -25.77
C ILE C 50 13.10 30.52 -25.85
N LEU C 51 11.93 30.05 -25.41
CA LEU C 51 11.66 28.61 -25.45
C LEU C 51 11.65 28.10 -26.88
N GLN C 52 10.98 28.81 -27.78
CA GLN C 52 10.86 28.33 -29.15
C GLN C 52 12.20 28.32 -29.86
N ALA C 53 13.01 29.37 -29.64
CA ALA C 53 14.34 29.40 -30.24
C ALA C 53 15.20 28.25 -29.72
N LEU C 54 15.12 27.97 -28.42
CA LEU C 54 15.89 26.85 -27.88
C LEU C 54 15.40 25.53 -28.47
N MET C 55 14.07 25.37 -28.59
N MET C 55 14.07 25.37 -28.56
CA MET C 55 13.56 24.13 -29.15
CA MET C 55 13.53 24.15 -29.17
C MET C 55 13.78 24.02 -30.66
C MET C 55 13.99 24.02 -30.62
N ASP C 56 14.07 25.14 -31.34
CA ASP C 56 14.46 25.08 -32.74
C ASP C 56 15.93 24.67 -32.88
N ALA C 57 16.77 25.15 -31.96
CA ALA C 57 18.18 24.72 -31.98
C ALA C 57 18.28 23.25 -31.67
N LEU C 58 17.41 22.76 -30.78
CA LEU C 58 17.41 21.35 -30.40
C LEU C 58 16.78 20.48 -31.49
N THR C 59 15.90 21.06 -32.32
CA THR C 59 15.04 20.43 -33.32
C THR C 59 14.05 19.50 -32.61
N PRO C 60 13.00 19.02 -33.30
CA PRO C 60 12.07 18.08 -32.63
C PRO C 60 12.72 16.79 -32.18
N ASP C 61 13.90 16.46 -32.69
N ASP C 61 13.92 16.48 -32.69
CA ASP C 61 14.63 15.29 -32.23
CA ASP C 61 14.67 15.32 -32.24
C ASP C 61 15.32 15.53 -30.89
C ASP C 61 15.30 15.52 -30.88
N GLY C 62 15.43 16.78 -30.43
CA GLY C 62 15.94 17.08 -29.10
C GLY C 62 14.81 17.25 -28.10
N THR C 63 15.19 17.52 -26.86
CA THR C 63 14.23 17.61 -25.76
C THR C 63 14.64 18.75 -24.84
N LEU C 64 13.66 19.54 -24.38
CA LEU C 64 13.91 20.65 -23.46
C LEU C 64 13.13 20.43 -22.17
N MET C 65 13.80 20.50 -21.02
CA MET C 65 13.13 20.22 -19.76
C MET C 65 13.46 21.32 -18.75
N MET C 66 12.53 21.60 -17.85
CA MET C 66 12.74 22.53 -16.74
C MET C 66 12.14 21.95 -15.48
N TYR C 67 12.66 22.44 -14.36
CA TYR C 67 12.13 22.11 -13.04
C TYR C 67 10.95 23.06 -12.75
N ALA C 68 9.75 22.50 -12.66
CA ALA C 68 8.55 23.28 -12.36
C ALA C 68 8.17 23.26 -10.89
N GLY C 69 8.17 22.08 -10.26
CA GLY C 69 7.70 22.02 -8.87
C GLY C 69 6.24 22.39 -8.79
N TRP C 70 5.84 22.85 -7.62
CA TRP C 70 4.45 23.25 -7.35
C TRP C 70 4.47 24.45 -6.44
N GLN C 71 4.05 25.60 -6.99
CA GLN C 71 4.09 26.86 -6.26
C GLN C 71 3.30 26.77 -4.95
N ASP C 72 2.22 26.02 -4.92
CA ASP C 72 1.33 26.02 -3.77
C ASP C 72 1.42 24.75 -2.94
N ILE C 73 2.56 24.07 -3.00
CA ILE C 73 2.63 22.81 -2.24
C ILE C 73 2.49 23.10 -0.75
N PRO C 74 1.56 22.44 -0.03
CA PRO C 74 1.33 22.72 1.39
C PRO C 74 2.18 21.82 2.29
N ASP C 75 3.48 21.82 2.05
CA ASP C 75 4.34 20.91 2.79
C ASP C 75 4.68 21.41 4.18
N PHE C 76 4.18 22.57 4.57
CA PHE C 76 4.50 23.24 5.83
C PHE C 76 3.42 23.08 6.90
N ILE C 77 2.39 22.26 6.67
CA ILE C 77 1.21 22.37 7.53
C ILE C 77 1.45 21.90 8.95
N ASP C 78 2.46 21.06 9.19
CA ASP C 78 2.74 20.63 10.56
C ASP C 78 3.20 21.79 11.44
N SER C 79 3.70 22.87 10.84
CA SER C 79 4.12 24.04 11.61
C SER C 79 2.97 24.98 11.95
N LEU C 80 1.76 24.73 11.42
CA LEU C 80 0.63 25.62 11.64
C LEU C 80 -0.11 25.21 12.91
N PRO C 81 -0.94 26.09 13.48
CA PRO C 81 -1.81 25.65 14.58
C PRO C 81 -2.65 24.47 14.12
N ASP C 82 -2.93 23.58 15.07
CA ASP C 82 -3.64 22.34 14.73
C ASP C 82 -4.95 22.59 14.01
N ALA C 83 -5.69 23.61 14.44
CA ALA C 83 -6.99 23.88 13.83
C ALA C 83 -6.83 24.34 12.38
N LEU C 84 -5.79 25.13 12.11
CA LEU C 84 -5.54 25.54 10.74
C LEU C 84 -5.07 24.36 9.90
N LYS C 85 -4.23 23.49 10.47
CA LYS C 85 -3.79 22.32 9.70
C LYS C 85 -4.98 21.45 9.31
N ALA C 86 -5.97 21.31 10.22
CA ALA C 86 -7.17 20.54 9.88
C ALA C 86 -7.91 21.16 8.69
N VAL C 87 -7.97 22.49 8.62
CA VAL C 87 -8.63 23.11 7.47
C VAL C 87 -7.85 22.81 6.18
N TYR C 88 -6.52 22.88 6.24
CA TYR C 88 -5.71 22.50 5.09
C TYR C 88 -6.02 21.08 4.64
N LEU C 89 -6.07 20.14 5.60
CA LEU C 89 -6.34 18.75 5.27
C LEU C 89 -7.68 18.57 4.57
N GLU C 90 -8.65 19.42 4.90
CA GLU C 90 -9.96 19.36 4.28
C GLU C 90 -10.05 20.13 2.98
N GLN C 91 -9.42 21.32 2.90
CA GLN C 91 -9.74 22.27 1.86
C GLN C 91 -8.64 22.52 0.85
N HIS C 92 -7.38 22.21 1.15
CA HIS C 92 -6.32 22.50 0.20
C HIS C 92 -6.43 21.55 -0.99
N PRO C 93 -6.32 22.05 -2.22
CA PRO C 93 -6.43 21.16 -3.38
C PRO C 93 -5.24 20.22 -3.46
N PRO C 94 -5.41 19.07 -4.08
CA PRO C 94 -4.26 18.17 -4.31
C PRO C 94 -3.42 18.66 -5.48
N PHE C 95 -2.22 18.08 -5.57
CA PHE C 95 -1.40 18.28 -6.78
C PHE C 95 -2.12 17.68 -7.97
N ASP C 96 -2.61 18.51 -8.88
CA ASP C 96 -3.15 18.03 -10.14
C ASP C 96 -2.17 18.45 -11.22
N PRO C 97 -1.46 17.52 -11.86
CA PRO C 97 -0.43 17.93 -12.82
C PRO C 97 -0.96 18.79 -13.96
N ALA C 98 -2.26 18.74 -14.25
CA ALA C 98 -2.81 19.55 -15.33
C ALA C 98 -2.85 21.03 -14.97
N THR C 99 -2.96 21.37 -13.68
CA THR C 99 -3.16 22.75 -13.26
C THR C 99 -2.16 23.28 -12.25
N ALA C 100 -1.43 22.42 -11.54
CA ALA C 100 -0.55 22.88 -10.49
C ALA C 100 0.51 23.83 -11.05
N ARG C 101 0.54 25.05 -10.55
CA ARG C 101 1.40 26.08 -11.11
C ARG C 101 2.85 25.86 -10.71
N ALA C 102 3.77 26.21 -11.61
CA ALA C 102 5.19 26.10 -11.33
C ALA C 102 5.59 27.12 -10.27
N VAL C 103 6.60 26.74 -9.48
CA VAL C 103 7.18 27.64 -8.49
C VAL C 103 7.65 28.93 -9.18
N ARG C 104 7.21 30.07 -8.67
CA ARG C 104 7.52 31.33 -9.36
C ARG C 104 9.01 31.56 -9.39
N GLU C 105 9.73 31.20 -8.32
CA GLU C 105 11.18 31.39 -8.26
C GLU C 105 11.96 30.45 -9.18
N ASN C 106 11.31 29.54 -9.88
CA ASN C 106 11.97 28.70 -10.88
C ASN C 106 12.00 29.34 -12.26
N SER C 107 11.58 30.61 -12.36
CA SER C 107 11.38 31.45 -13.55
C SER C 107 9.98 31.24 -14.14
N VAL C 108 9.40 32.35 -14.59
CA VAL C 108 8.17 32.26 -15.36
C VAL C 108 8.35 31.38 -16.57
N LEU C 109 9.60 31.22 -17.07
CA LEU C 109 9.83 30.31 -18.18
C LEU C 109 9.43 28.87 -17.82
N ALA C 110 9.59 28.45 -16.56
CA ALA C 110 9.16 27.10 -16.19
C ALA C 110 7.65 26.95 -16.28
N GLU C 111 6.91 28.00 -15.90
CA GLU C 111 5.46 27.95 -16.05
C GLU C 111 5.05 28.03 -17.52
N PHE C 112 5.79 28.81 -18.33
CA PHE C 112 5.52 28.85 -19.77
C PHE C 112 5.76 27.48 -20.41
N LEU C 113 6.82 26.78 -20.00
CA LEU C 113 7.07 25.48 -20.60
C LEU C 113 6.05 24.46 -20.12
N ARG C 114 5.66 24.55 -18.84
CA ARG C 114 4.67 23.63 -18.29
C ARG C 114 3.37 23.68 -19.07
N THR C 115 3.02 24.84 -19.64
CA THR C 115 1.79 24.99 -20.40
C THR C 115 2.02 25.01 -21.91
N TRP C 116 3.17 24.48 -22.37
CA TRP C 116 3.50 24.43 -23.79
C TRP C 116 2.78 23.24 -24.44
N PRO C 117 2.40 23.34 -25.71
CA PRO C 117 1.81 22.20 -26.41
C PRO C 117 2.73 20.98 -26.40
N VAL C 119 3.60 19.13 -23.98
CA VAL C 119 4.43 18.98 -22.77
C VAL C 119 4.09 17.67 -22.04
N HIS C 120 5.10 17.10 -21.38
CA HIS C 120 4.93 16.02 -20.41
C HIS C 120 5.40 16.49 -19.05
N ARG C 121 4.71 16.06 -17.98
CA ARG C 121 5.03 16.51 -16.64
C ARG C 121 5.20 15.33 -15.71
N SER C 122 6.24 15.36 -14.89
CA SER C 122 6.49 14.25 -13.98
C SER C 122 5.63 14.36 -12.71
N ALA C 123 5.45 13.22 -12.05
CA ALA C 123 4.37 13.06 -11.07
C ALA C 123 4.74 13.51 -9.65
N ASN C 124 6.02 13.67 -9.37
CA ASN C 124 6.45 14.12 -8.04
C ASN C 124 6.10 15.58 -7.84
N PRO C 125 5.19 15.93 -6.91
CA PRO C 125 4.75 17.34 -6.83
C PRO C 125 5.88 18.31 -6.55
N GLU C 126 6.64 18.06 -5.49
CA GLU C 126 7.69 19.00 -5.10
C GLU C 126 8.78 19.09 -6.14
N ALA C 127 9.10 17.97 -6.82
CA ALA C 127 10.22 17.89 -7.73
C ALA C 127 9.78 17.87 -9.19
N SER C 128 8.55 18.32 -9.48
CA SER C 128 7.96 18.07 -10.78
C SER C 128 8.77 18.72 -11.90
N MET C 129 9.08 17.94 -12.93
CA MET C 129 9.77 18.42 -14.11
C MET C 129 8.84 18.39 -15.32
N VAL C 130 9.04 19.34 -16.25
CA VAL C 130 8.24 19.44 -17.48
C VAL C 130 9.18 19.38 -18.67
N ALA C 131 8.75 18.75 -19.74
CA ALA C 131 9.64 18.59 -20.89
C ALA C 131 8.82 18.54 -22.18
N VAL C 132 9.44 19.01 -23.27
CA VAL C 132 8.87 18.98 -24.61
C VAL C 132 9.94 18.45 -25.56
N GLY C 133 9.59 17.46 -26.37
CA GLY C 133 10.52 16.97 -27.36
C GLY C 133 10.52 15.46 -27.42
N ARG C 134 11.50 14.92 -28.16
CA ARG C 134 11.49 13.50 -28.51
C ARG C 134 11.53 12.60 -27.28
N GLN C 135 12.31 12.97 -26.27
CA GLN C 135 12.45 12.14 -25.08
C GLN C 135 11.71 12.72 -23.87
N ALA C 136 10.69 13.54 -24.10
CA ALA C 136 9.99 14.18 -22.99
C ALA C 136 9.27 13.16 -22.11
N ALA C 137 8.59 12.19 -22.74
CA ALA C 137 7.93 11.15 -21.96
C ALA C 137 8.95 10.34 -21.16
N LEU C 138 10.05 9.94 -21.82
CA LEU C 138 11.11 9.22 -21.11
C LEU C 138 11.58 9.98 -19.89
N LEU C 139 11.92 11.26 -20.07
CA LEU C 139 12.53 11.97 -18.94
C LEU C 139 11.57 12.09 -17.77
N THR C 140 10.28 12.28 -18.04
CA THR C 140 9.31 12.58 -16.98
C THR C 140 8.59 11.35 -16.44
N ALA C 141 8.87 10.16 -16.98
CA ALA C 141 8.12 8.96 -16.63
C ALA C 141 8.53 8.42 -15.26
N ASN C 142 7.55 7.86 -14.54
N ASN C 142 7.56 7.86 -14.53
CA ASN C 142 7.79 7.09 -13.32
CA ASN C 142 7.87 7.05 -13.33
C ASN C 142 8.71 7.83 -12.35
C ASN C 142 8.70 7.82 -12.31
N HIS C 143 8.43 9.11 -12.16
CA HIS C 143 9.17 9.92 -11.20
C HIS C 143 8.69 9.58 -9.78
N ALA C 144 9.54 8.86 -9.02
CA ALA C 144 9.14 8.41 -7.69
C ALA C 144 8.83 9.58 -6.76
N LEU C 145 7.84 9.39 -5.88
CA LEU C 145 7.49 10.43 -4.93
C LEU C 145 8.57 10.61 -3.87
N ASP C 146 9.15 9.51 -3.39
CA ASP C 146 10.21 9.61 -2.39
C ASP C 146 11.56 9.77 -3.11
N TYR C 147 12.44 10.57 -2.53
CA TYR C 147 13.79 10.80 -3.07
C TYR C 147 13.71 11.24 -4.53
N GLY C 148 13.02 12.36 -4.72
CA GLY C 148 12.66 12.86 -6.03
C GLY C 148 13.82 13.37 -6.85
N TYR C 149 15.03 13.43 -6.28
CA TYR C 149 16.20 13.81 -7.06
C TYR C 149 17.15 12.64 -7.18
N GLY C 150 16.66 11.43 -6.91
CA GLY C 150 17.50 10.24 -6.84
C GLY C 150 17.44 9.38 -8.10
N VAL C 151 17.46 8.06 -7.87
CA VAL C 151 17.63 7.11 -8.97
C VAL C 151 16.41 7.08 -9.88
N GLU C 152 15.21 7.29 -9.34
N GLU C 152 15.21 7.23 -9.33
CA GLU C 152 13.97 7.24 -10.11
CA GLU C 152 13.99 7.22 -10.15
C GLU C 152 13.45 8.63 -10.44
C GLU C 152 13.50 8.66 -10.34
N SER C 153 14.26 9.41 -11.15
CA SER C 153 14.00 10.83 -11.33
C SER C 153 14.39 11.24 -12.73
N PRO C 154 13.88 12.36 -13.21
CA PRO C 154 14.32 12.88 -14.51
C PRO C 154 15.77 13.25 -14.55
N LEU C 155 16.37 13.59 -13.41
CA LEU C 155 17.79 13.93 -13.37
C LEU C 155 18.65 12.71 -13.63
N ALA C 156 18.30 11.57 -13.01
CA ALA C 156 19.01 10.32 -13.31
C ALA C 156 18.95 10.02 -14.79
N LYS C 157 17.79 10.20 -15.41
CA LYS C 157 17.65 9.86 -16.82
C LYS C 157 18.41 10.85 -17.69
N LEU C 158 18.40 12.12 -17.31
CA LEU C 158 19.18 13.12 -18.05
C LEU C 158 20.66 12.76 -18.05
N VAL C 159 21.18 12.30 -16.91
CA VAL C 159 22.56 11.83 -16.85
C VAL C 159 22.75 10.61 -17.73
N ALA C 160 21.81 9.67 -17.67
CA ALA C 160 21.97 8.41 -18.38
C ALA C 160 22.00 8.62 -19.89
N ILE C 161 21.27 9.60 -20.41
CA ILE C 161 21.25 9.83 -21.84
C ILE C 161 22.26 10.90 -22.25
N GLU C 162 23.16 11.26 -21.32
CA GLU C 162 24.22 12.25 -21.56
C GLU C 162 23.65 13.57 -22.06
N GLY C 163 22.68 14.08 -21.31
CA GLY C 163 22.11 15.38 -21.60
C GLY C 163 22.95 16.51 -21.06
N TYR C 164 22.38 17.69 -21.13
CA TYR C 164 23.07 18.93 -20.83
C TYR C 164 22.21 19.81 -19.94
N VAL C 165 22.88 20.74 -19.28
CA VAL C 165 22.24 21.77 -18.47
C VAL C 165 22.70 23.11 -19.04
N LEU C 166 21.75 23.99 -19.34
CA LEU C 166 22.03 25.33 -19.82
C LEU C 166 21.61 26.33 -18.76
N MET C 167 22.57 27.13 -18.28
CA MET C 167 22.30 28.25 -17.39
C MET C 167 22.21 29.51 -18.23
N LEU C 168 21.01 30.09 -18.32
CA LEU C 168 20.75 31.24 -19.18
C LEU C 168 20.50 32.45 -18.29
N GLY C 169 21.59 33.08 -17.85
CA GLY C 169 21.52 34.17 -16.88
C GLY C 169 21.03 33.76 -15.52
N ALA C 170 20.97 32.46 -15.24
CA ALA C 170 20.53 32.01 -13.92
C ALA C 170 21.74 31.82 -13.01
N PRO C 171 21.63 32.12 -11.72
CA PRO C 171 22.78 31.94 -10.83
C PRO C 171 23.22 30.48 -10.75
N LEU C 172 24.52 30.27 -10.61
CA LEU C 172 25.06 28.92 -10.59
C LEU C 172 24.56 28.12 -9.39
N ASP C 173 24.07 28.79 -8.35
CA ASP C 173 23.50 28.12 -7.21
C ASP C 173 22.17 27.40 -7.50
N THR C 174 21.56 27.61 -8.67
CA THR C 174 20.25 27.07 -8.97
C THR C 174 20.28 25.79 -9.81
N ILE C 175 21.43 25.15 -9.98
CA ILE C 175 21.52 23.93 -10.78
C ILE C 175 20.88 22.78 -10.03
N THR C 176 19.64 22.45 -10.38
CA THR C 176 18.89 21.39 -9.69
C THR C 176 19.57 20.04 -9.79
N LEU C 177 20.29 19.79 -10.90
CA LEU C 177 21.02 18.54 -11.08
C LEU C 177 21.97 18.24 -9.92
N LEU C 178 22.51 19.25 -9.25
CA LEU C 178 23.43 18.97 -8.15
C LEU C 178 22.72 18.33 -6.95
N HIS C 179 21.39 18.44 -6.84
CA HIS C 179 20.67 17.66 -5.86
C HIS C 179 20.75 16.17 -6.17
N HIS C 180 20.87 15.80 -7.44
CA HIS C 180 21.09 14.41 -7.79
C HIS C 180 22.48 13.96 -7.36
N ALA C 181 23.48 14.84 -7.51
CA ALA C 181 24.82 14.52 -7.02
C ALA C 181 24.80 14.34 -5.50
N GLU C 182 24.08 15.20 -4.78
CA GLU C 182 23.90 14.99 -3.34
C GLU C 182 23.31 13.61 -3.04
N TYR C 183 22.30 13.21 -3.80
CA TYR C 183 21.66 11.93 -3.55
C TYR C 183 22.66 10.80 -3.71
N LEU C 184 23.49 10.86 -4.77
CA LEU C 184 24.44 9.81 -5.08
C LEU C 184 25.62 9.78 -4.13
N ALA C 185 26.06 10.93 -3.65
CA ALA C 185 27.36 11.00 -2.98
C ALA C 185 27.32 10.32 -1.62
N LYS C 186 28.38 9.58 -1.34
N LYS C 186 28.37 9.58 -1.33
CA LYS C 186 28.54 8.92 -0.04
CA LYS C 186 28.50 8.91 -0.03
C LYS C 186 29.10 9.95 0.94
C LYS C 186 29.09 9.90 0.96
N MET C 187 28.23 10.56 1.72
CA MET C 187 28.62 11.58 2.68
C MET C 187 28.38 11.12 4.11
N ARG C 188 29.08 11.77 5.04
CA ARG C 188 29.02 11.32 6.44
C ARG C 188 27.59 11.34 6.97
N HIS C 189 26.83 12.40 6.69
CA HIS C 189 25.45 12.45 7.12
C HIS C 189 24.65 13.31 6.16
N LYS C 190 23.45 12.83 5.81
CA LYS C 190 22.51 13.63 5.03
C LYS C 190 21.23 13.74 5.83
N ASN C 191 20.61 14.91 5.79
CA ASN C 191 19.38 15.14 6.51
C ASN C 191 18.20 14.63 5.69
N VAL C 192 17.35 13.83 6.33
CA VAL C 192 16.14 13.29 5.71
C VAL C 192 14.95 14.06 6.21
N VAL C 193 14.04 14.41 5.30
CA VAL C 193 12.81 15.09 5.67
C VAL C 193 11.65 14.21 5.27
N ARG C 194 10.57 14.27 6.05
CA ARG C 194 9.31 13.61 5.73
C ARG C 194 8.22 14.65 5.88
N TYR C 195 7.40 14.81 4.83
CA TYR C 195 6.43 15.90 4.87
C TYR C 195 5.14 15.43 4.21
N PRO C 196 4.01 16.00 4.62
CA PRO C 196 2.73 15.62 4.03
C PRO C 196 2.49 16.35 2.72
N CYS C 197 1.78 15.68 1.81
CA CYS C 197 1.44 16.29 0.52
C CYS C 197 0.16 15.70 -0.04
N PRO C 198 -0.79 16.54 -0.54
CA PRO C 198 -1.98 15.97 -1.17
C PRO C 198 -1.78 15.66 -2.64
N ILE C 199 -2.15 14.47 -3.08
CA ILE C 199 -2.02 14.05 -4.47
C ILE C 199 -3.35 13.46 -4.92
N LEU C 200 -3.41 13.14 -6.21
CA LEU C 200 -4.56 12.45 -6.78
C LEU C 200 -4.23 10.97 -6.91
N ARG C 201 -5.13 10.13 -6.41
CA ARG C 201 -5.02 8.69 -6.58
C ARG C 201 -6.41 8.18 -6.96
N ASP C 202 -6.52 7.56 -8.12
CA ASP C 202 -7.83 7.16 -8.67
C ASP C 202 -8.80 8.33 -8.67
N GLY C 203 -8.31 9.49 -9.09
CA GLY C 203 -9.17 10.66 -9.20
C GLY C 203 -9.66 11.24 -7.89
N ARG C 204 -9.18 10.76 -6.74
CA ARG C 204 -9.57 11.30 -5.45
C ARG C 204 -8.35 11.86 -4.74
N LYS C 205 -8.59 12.87 -3.90
CA LYS C 205 -7.51 13.47 -3.12
C LYS C 205 -7.07 12.56 -1.98
N VAL C 206 -5.77 12.32 -1.88
N VAL C 206 -5.76 12.34 -1.88
CA VAL C 206 -5.23 11.57 -0.76
CA VAL C 206 -5.17 11.55 -0.81
C VAL C 206 -3.97 12.29 -0.28
C VAL C 206 -3.95 12.29 -0.28
N TRP C 207 -3.84 12.41 1.04
CA TRP C 207 -2.65 12.96 1.65
C TRP C 207 -1.66 11.83 1.90
N VAL C 208 -0.43 12.01 1.40
CA VAL C 208 0.61 11.00 1.58
C VAL C 208 1.79 11.66 2.27
N THR C 209 2.66 10.82 2.82
CA THR C 209 3.92 11.28 3.38
C THR C 209 5.00 11.09 2.34
N VAL C 210 5.74 12.16 2.06
CA VAL C 210 6.86 12.13 1.14
C VAL C 210 8.15 12.14 1.95
N GLU C 211 9.07 11.26 1.60
CA GLU C 211 10.38 11.21 2.21
C GLU C 211 11.42 11.61 1.18
N ASP C 212 12.37 12.45 1.59
CA ASP C 212 13.40 12.90 0.67
C ASP C 212 14.58 13.38 1.48
N TYR C 213 15.71 13.51 0.82
CA TYR C 213 16.80 14.29 1.38
C TYR C 213 16.38 15.75 1.36
N ASP C 214 16.78 16.48 2.40
CA ASP C 214 16.60 17.92 2.41
C ASP C 214 17.19 18.55 1.14
N THR C 215 16.38 19.36 0.46
CA THR C 215 16.90 20.12 -0.68
C THR C 215 16.81 21.63 -0.47
N GLY C 216 16.44 22.06 0.74
CA GLY C 216 16.39 23.48 1.05
C GLY C 216 17.70 23.99 1.62
N ASP C 217 18.44 23.11 2.28
CA ASP C 217 19.75 23.42 2.85
C ASP C 217 20.75 22.32 2.50
N PRO C 218 22.03 22.65 2.42
CA PRO C 218 23.05 21.62 2.15
C PRO C 218 23.21 20.65 3.31
N HIS C 219 23.73 19.47 2.99
CA HIS C 219 23.94 18.46 4.02
C HIS C 219 25.21 18.68 4.81
N ASP C 220 26.05 19.61 4.38
CA ASP C 220 27.30 19.92 5.04
C ASP C 220 27.70 21.32 4.61
N ASP C 221 28.96 21.68 4.83
CA ASP C 221 29.43 23.06 4.68
C ASP C 221 29.84 23.29 3.24
N TYR C 222 28.84 23.48 2.36
CA TYR C 222 29.09 23.73 0.95
C TYR C 222 27.91 24.48 0.34
N SER C 223 28.14 24.97 -0.88
CA SER C 223 27.09 25.58 -1.69
C SER C 223 27.20 25.05 -3.12
N PHE C 224 26.08 25.06 -3.82
CA PHE C 224 26.09 24.64 -5.22
C PHE C 224 26.91 25.60 -6.07
N GLU C 225 26.85 26.91 -5.77
N GLU C 225 26.84 26.91 -5.78
CA GLU C 225 27.65 27.87 -6.51
CA GLU C 225 27.65 27.86 -6.51
C GLU C 225 29.14 27.59 -6.36
C GLU C 225 29.13 27.53 -6.38
N GLN C 226 29.55 27.14 -5.17
CA GLN C 226 30.96 26.81 -4.96
C GLN C 226 31.37 25.62 -5.82
N ILE C 227 30.53 24.58 -5.86
CA ILE C 227 30.82 23.40 -6.67
C ILE C 227 30.91 23.78 -8.14
N ALA C 228 29.93 24.57 -8.61
CA ALA C 228 29.88 24.94 -10.02
C ALA C 228 31.05 25.83 -10.42
N ARG C 229 31.44 26.76 -9.55
N ARG C 229 31.46 26.74 -9.55
CA ARG C 229 32.60 27.61 -9.84
CA ARG C 229 32.60 27.60 -9.86
C ARG C 229 33.88 26.79 -9.91
C ARG C 229 33.90 26.81 -9.89
N ASP C 230 34.03 25.82 -9.00
CA ASP C 230 35.21 24.95 -9.05
C ASP C 230 35.21 24.14 -10.34
N TYR C 231 34.02 23.67 -10.76
CA TYR C 231 33.91 22.95 -12.03
C TYR C 231 34.37 23.82 -13.18
N VAL C 232 33.86 25.05 -13.26
CA VAL C 232 34.22 25.95 -14.35
C VAL C 232 35.73 26.24 -14.32
N ALA C 233 36.29 26.39 -13.12
CA ALA C 233 37.71 26.76 -12.99
C ALA C 233 38.64 25.67 -13.49
N GLN C 234 38.25 24.40 -13.37
CA GLN C 234 39.06 23.29 -13.86
C GLN C 234 38.71 22.91 -15.30
N GLY C 235 38.07 23.80 -16.05
CA GLY C 235 37.82 23.63 -17.47
C GLY C 235 36.47 23.04 -17.84
N GLY C 236 35.56 22.93 -16.89
CA GLY C 236 34.28 22.30 -17.18
C GLY C 236 33.32 23.25 -17.88
N GLY C 237 32.64 22.73 -18.89
CA GLY C 237 31.57 23.46 -19.54
C GLY C 237 32.05 24.49 -20.54
N THR C 238 31.05 25.10 -21.20
CA THR C 238 31.28 26.14 -22.18
C THR C 238 30.52 27.38 -21.76
N ARG C 239 31.03 28.53 -22.15
CA ARG C 239 30.46 29.80 -21.71
C ARG C 239 30.29 30.71 -22.91
N GLY C 240 29.21 31.49 -22.91
CA GLY C 240 29.02 32.48 -23.96
C GLY C 240 27.81 33.35 -23.66
N LYS C 241 27.55 34.29 -24.56
CA LYS C 241 26.43 35.22 -24.40
C LYS C 241 25.24 34.75 -25.23
N VAL C 242 24.05 34.89 -24.66
CA VAL C 242 22.78 34.67 -25.34
C VAL C 242 21.90 35.86 -24.98
N GLY C 243 21.54 36.66 -25.98
CA GLY C 243 20.92 37.94 -25.64
C GLY C 243 21.88 38.74 -24.76
N ASP C 244 21.35 39.32 -23.68
CA ASP C 244 22.18 40.04 -22.71
C ASP C 244 22.75 39.12 -21.64
N ALA C 245 22.46 37.83 -21.68
CA ALA C 245 22.71 36.95 -20.54
C ALA C 245 24.05 36.22 -20.66
N ASP C 246 24.78 36.16 -19.56
N ASP C 246 24.75 36.11 -19.54
CA ASP C 246 25.87 35.20 -19.46
CA ASP C 246 25.90 35.20 -19.44
C ASP C 246 25.29 33.80 -19.43
C ASP C 246 25.39 33.76 -19.35
N ALA C 247 25.80 32.92 -20.29
CA ALA C 247 25.29 31.56 -20.38
C ALA C 247 26.41 30.56 -20.12
N TYR C 248 26.04 29.44 -19.48
CA TYR C 248 26.92 28.31 -19.24
C TYR C 248 26.24 27.04 -19.75
N LEU C 249 26.98 26.19 -20.46
CA LEU C 249 26.45 24.94 -20.96
C LEU C 249 27.29 23.81 -20.38
N PHE C 250 26.65 22.92 -19.61
CA PHE C 250 27.33 21.84 -18.91
C PHE C 250 26.83 20.48 -19.40
N ALA C 251 27.76 19.53 -19.55
CA ALA C 251 27.35 18.15 -19.75
C ALA C 251 26.92 17.54 -18.42
N ALA C 252 25.71 16.97 -18.40
CA ALA C 252 25.14 16.47 -17.14
C ALA C 252 25.97 15.34 -16.54
N GLN C 253 26.46 14.43 -17.38
CA GLN C 253 27.22 13.30 -16.84
C GLN C 253 28.52 13.77 -16.20
N ASP C 254 29.27 14.64 -16.90
CA ASP C 254 30.55 15.08 -16.36
C ASP C 254 30.37 15.97 -15.12
N LEU C 255 29.38 16.85 -15.15
CA LEU C 255 29.15 17.69 -13.97
C LEU C 255 28.75 16.85 -12.78
N THR C 256 27.87 15.87 -12.99
CA THR C 256 27.45 15.01 -11.89
C THR C 256 28.63 14.24 -11.32
N ARG C 257 29.45 13.65 -12.19
CA ARG C 257 30.62 12.92 -11.73
C ARG C 257 31.52 13.81 -10.91
N PHE C 258 31.78 15.01 -11.42
CA PHE C 258 32.63 15.97 -10.71
C PHE C 258 32.05 16.32 -9.36
N ALA C 259 30.74 16.59 -9.31
CA ALA C 259 30.12 17.03 -8.06
C ALA C 259 30.10 15.89 -7.03
N VAL C 260 29.86 14.65 -7.47
CA VAL C 260 29.90 13.53 -6.52
C VAL C 260 31.31 13.38 -5.94
N GLN C 261 32.33 13.44 -6.80
CA GLN C 261 33.70 13.33 -6.31
C GLN C 261 34.03 14.50 -5.38
N TRP C 262 33.58 15.70 -5.77
CA TRP C 262 33.77 16.90 -4.97
C TRP C 262 33.17 16.74 -3.58
N LEU C 263 31.93 16.25 -3.51
CA LEU C 263 31.26 16.06 -2.23
C LEU C 263 31.92 14.96 -1.41
N GLU C 264 32.28 13.85 -2.06
CA GLU C 264 32.80 12.72 -1.29
C GLU C 264 34.19 13.00 -0.77
N SER C 265 35.00 13.74 -1.52
CA SER C 265 36.35 14.03 -1.03
C SER C 265 36.32 14.96 0.18
N ARG C 266 35.32 15.82 0.27
CA ARG C 266 35.27 16.80 1.35
C ARG C 266 34.43 16.36 2.54
N PHE C 267 33.37 15.59 2.33
CA PHE C 267 32.43 15.29 3.39
C PHE C 267 32.17 13.80 3.58
N GLY C 268 32.96 12.94 2.96
CA GLY C 268 32.74 11.51 3.05
C GLY C 268 33.54 10.88 4.19
N ILE D 9 7.51 -12.41 56.35
CA ILE D 9 7.97 -11.03 56.23
C ILE D 9 7.71 -10.47 54.81
N PRO D 10 8.14 -11.15 53.73
CA PRO D 10 7.79 -10.64 52.39
C PRO D 10 6.29 -10.69 52.19
N HIS D 11 5.77 -9.73 51.42
CA HIS D 11 4.32 -9.64 51.24
C HIS D 11 3.78 -10.91 50.59
N THR D 12 2.66 -11.40 51.11
CA THR D 12 2.07 -12.61 50.58
C THR D 12 1.03 -12.32 49.52
N HIS D 13 0.78 -13.34 48.70
CA HIS D 13 -0.30 -13.27 47.72
C HIS D 13 -1.62 -12.85 48.37
N ALA D 14 -2.00 -13.48 49.48
CA ALA D 14 -3.30 -13.17 50.08
C ALA D 14 -3.38 -11.71 50.50
N HIS D 15 -2.30 -11.19 51.06
CA HIS D 15 -2.32 -9.80 51.50
C HIS D 15 -2.35 -8.84 50.31
N LEU D 16 -1.64 -9.16 49.24
CA LEU D 16 -1.70 -8.31 48.05
C LEU D 16 -3.08 -8.33 47.43
N VAL D 17 -3.72 -9.51 47.35
CA VAL D 17 -5.07 -9.57 46.79
C VAL D 17 -6.00 -8.62 47.54
N ASP D 18 -5.98 -8.70 48.86
CA ASP D 18 -6.86 -7.87 49.67
C ASP D 18 -6.49 -6.39 49.58
N ALA D 19 -5.19 -6.07 49.47
CA ALA D 19 -4.78 -4.68 49.32
C ALA D 19 -5.27 -4.09 48.00
N PHE D 20 -5.21 -4.86 46.91
CA PHE D 20 -5.78 -4.41 45.65
C PHE D 20 -7.29 -4.21 45.77
N GLN D 21 -7.98 -5.15 46.42
CA GLN D 21 -9.42 -5.06 46.57
C GLN D 21 -9.80 -3.87 47.42
N ALA D 22 -9.00 -3.56 48.46
CA ALA D 22 -9.29 -2.43 49.32
C ALA D 22 -9.27 -1.13 48.54
N LEU D 23 -8.43 -1.02 47.51
CA LEU D 23 -8.39 0.16 46.65
C LEU D 23 -9.65 0.32 45.84
N GLY D 24 -10.40 -0.74 45.60
CA GLY D 24 -11.59 -0.69 44.78
C GLY D 24 -11.53 -1.61 43.55
N ILE D 25 -10.49 -2.42 43.39
CA ILE D 25 -10.42 -3.33 42.26
C ILE D 25 -11.43 -4.45 42.48
N ARG D 26 -12.24 -4.69 41.46
CA ARG D 26 -13.41 -5.57 41.57
C ARG D 26 -13.41 -6.57 40.45
N ALA D 27 -14.10 -7.69 40.69
CA ALA D 27 -14.27 -8.72 39.69
C ALA D 27 -14.83 -8.14 38.40
N GLY D 28 -14.21 -8.51 37.28
CA GLY D 28 -14.69 -8.15 35.96
C GLY D 28 -14.16 -6.86 35.39
N GLN D 29 -13.42 -6.06 36.17
CA GLN D 29 -12.89 -4.81 35.64
C GLN D 29 -11.78 -5.05 34.62
N ALA D 30 -11.65 -4.11 33.69
CA ALA D 30 -10.49 -4.03 32.82
C ALA D 30 -9.55 -2.99 33.40
N LEU D 31 -8.29 -3.36 33.64
CA LEU D 31 -7.36 -2.55 34.42
C LEU D 31 -6.02 -2.49 33.72
N MET D 32 -5.47 -1.29 33.56
CA MET D 32 -4.12 -1.17 33.04
C MET D 32 -3.20 -0.72 34.18
N LEU D 33 -2.09 -1.42 34.31
CA LEU D 33 -1.19 -1.27 35.45
C LEU D 33 0.09 -0.56 35.05
N HIS D 34 0.51 0.40 35.89
CA HIS D 34 1.86 0.97 35.87
C HIS D 34 2.49 0.69 37.23
N ALA D 35 3.73 0.21 37.25
CA ALA D 35 4.23 -0.30 38.53
C ALA D 35 5.73 -0.08 38.71
N SER D 36 6.14 -0.07 39.98
CA SER D 36 7.54 -0.22 40.37
C SER D 36 7.63 -1.41 41.31
N VAL D 37 8.38 -2.45 40.89
CA VAL D 37 8.58 -3.62 41.75
C VAL D 37 9.30 -3.20 43.03
N LYS D 38 10.32 -2.34 42.92
CA LYS D 38 11.04 -1.92 44.12
C LYS D 38 10.11 -1.19 45.10
N ALA D 39 9.16 -0.40 44.58
CA ALA D 39 8.27 0.34 45.46
C ALA D 39 7.39 -0.58 46.29
N VAL D 40 6.97 -1.71 45.71
CA VAL D 40 6.11 -2.63 46.44
C VAL D 40 6.87 -3.30 47.59
N GLY D 41 8.16 -3.52 47.43
CA GLY D 41 8.94 -4.25 48.41
C GLY D 41 8.88 -5.76 48.18
N ALA D 42 9.67 -6.49 48.98
CA ALA D 42 9.82 -7.92 48.78
C ALA D 42 8.48 -8.63 48.83
N VAL D 43 8.20 -9.44 47.80
CA VAL D 43 6.99 -10.23 47.69
C VAL D 43 7.39 -11.70 47.74
N MET D 44 6.63 -12.49 48.50
CA MET D 44 6.91 -13.92 48.66
C MET D 44 6.57 -14.64 47.36
N GLY D 45 7.60 -14.98 46.56
CA GLY D 45 7.42 -15.53 45.23
C GLY D 45 7.80 -14.59 44.11
N GLY D 46 8.13 -13.34 44.40
CA GLY D 46 8.64 -12.42 43.41
C GLY D 46 7.54 -11.71 42.64
N PRO D 47 7.91 -10.95 41.61
CA PRO D 47 6.92 -10.13 40.90
C PRO D 47 5.81 -10.91 40.23
N ASN D 48 6.00 -12.19 39.90
CA ASN D 48 4.89 -13.01 39.40
C ASN D 48 3.68 -12.91 40.32
N VAL D 49 3.91 -12.87 41.64
CA VAL D 49 2.81 -12.88 42.60
C VAL D 49 2.08 -11.54 42.58
N ILE D 50 2.78 -10.45 42.25
CA ILE D 50 2.10 -9.17 42.04
C ILE D 50 1.07 -9.31 40.93
N LEU D 51 1.50 -9.85 39.79
CA LEU D 51 0.60 -10.04 38.67
C LEU D 51 -0.51 -11.03 39.03
N GLN D 52 -0.17 -12.15 39.66
CA GLN D 52 -1.19 -13.15 39.94
C GLN D 52 -2.20 -12.64 40.95
N ALA D 53 -1.73 -11.92 41.98
CA ALA D 53 -2.65 -11.34 42.96
C ALA D 53 -3.59 -10.35 42.30
N LEU D 54 -3.05 -9.52 41.39
CA LEU D 54 -3.93 -8.57 40.70
C LEU D 54 -4.94 -9.30 39.82
N MET D 55 -4.49 -10.32 39.10
N MET D 55 -4.51 -10.35 39.14
CA MET D 55 -5.40 -11.13 38.28
CA MET D 55 -5.40 -11.12 38.28
C MET D 55 -6.47 -11.78 39.15
C MET D 55 -6.36 -12.00 39.06
N ASP D 56 -6.11 -12.23 40.35
CA ASP D 56 -7.08 -12.91 41.20
C ASP D 56 -8.13 -11.94 41.71
N ALA D 57 -7.72 -10.70 42.03
CA ALA D 57 -8.68 -9.67 42.42
C ALA D 57 -9.60 -9.34 41.25
N LEU D 58 -9.07 -9.35 40.03
CA LEU D 58 -9.88 -9.05 38.85
C LEU D 58 -10.76 -10.23 38.45
N THR D 59 -10.38 -11.45 38.84
CA THR D 59 -10.95 -12.75 38.46
C THR D 59 -10.75 -13.00 36.97
N PRO D 60 -10.99 -14.23 36.49
CA PRO D 60 -10.89 -14.47 35.04
C PRO D 60 -11.87 -13.64 34.21
N ASP D 61 -12.91 -13.07 34.83
CA ASP D 61 -13.81 -12.21 34.09
C ASP D 61 -13.23 -10.80 33.88
N GLY D 62 -12.17 -10.44 34.59
CA GLY D 62 -11.51 -9.17 34.40
C GLY D 62 -10.35 -9.28 33.43
N THR D 63 -9.67 -8.16 33.21
CA THR D 63 -8.59 -8.08 32.23
C THR D 63 -7.49 -7.19 32.79
N LEU D 64 -6.24 -7.60 32.61
CA LEU D 64 -5.08 -6.84 33.06
C LEU D 64 -4.21 -6.51 31.86
N MET D 65 -3.87 -5.23 31.71
CA MET D 65 -3.13 -4.73 30.54
C MET D 65 -1.92 -3.92 31.00
N MET D 66 -0.82 -3.98 30.25
CA MET D 66 0.31 -3.10 30.49
C MET D 66 0.85 -2.60 29.16
N TYR D 67 1.52 -1.46 29.21
CA TYR D 67 2.25 -0.91 28.07
C TYR D 67 3.61 -1.59 28.00
N ALA D 68 3.85 -2.38 26.95
CA ALA D 68 5.14 -3.03 26.75
C ALA D 68 6.08 -2.26 25.83
N GLY D 69 5.59 -1.81 24.68
CA GLY D 69 6.47 -1.17 23.71
C GLY D 69 7.50 -2.15 23.21
N TRP D 70 8.64 -1.63 22.76
CA TRP D 70 9.68 -2.46 22.20
C TRP D 70 11.02 -1.86 22.60
N GLN D 71 11.74 -2.57 23.46
CA GLN D 71 13.00 -2.06 24.01
C GLN D 71 14.01 -1.71 22.90
N ASP D 72 13.99 -2.43 21.79
CA ASP D 72 15.02 -2.31 20.77
C ASP D 72 14.52 -1.64 19.51
N ILE D 73 13.46 -0.85 19.62
CA ILE D 73 12.93 -0.16 18.42
C ILE D 73 13.98 0.77 17.84
N PRO D 74 14.34 0.65 16.56
CA PRO D 74 15.38 1.48 15.96
C PRO D 74 14.84 2.75 15.33
N ASP D 75 14.09 3.52 16.11
CA ASP D 75 13.44 4.72 15.58
C ASP D 75 14.38 5.90 15.46
N PHE D 76 15.65 5.74 15.82
CA PHE D 76 16.63 6.80 15.88
C PHE D 76 17.60 6.80 14.69
N ILE D 77 17.39 5.95 13.69
CA ILE D 77 18.47 5.70 12.74
C ILE D 77 18.77 6.91 11.85
N ASP D 78 17.80 7.82 11.67
CA ASP D 78 18.10 9.01 10.86
C ASP D 78 19.15 9.89 11.51
N SER D 79 19.33 9.77 12.82
CA SER D 79 20.31 10.57 13.54
C SER D 79 21.73 10.02 13.43
N LEU D 80 21.89 8.83 12.86
CA LEU D 80 23.18 8.16 12.78
C LEU D 80 23.90 8.54 11.50
N PRO D 81 25.22 8.35 11.42
CA PRO D 81 25.90 8.53 10.14
C PRO D 81 25.27 7.63 9.09
N ASP D 82 25.26 8.12 7.85
CA ASP D 82 24.55 7.42 6.76
C ASP D 82 25.01 5.97 6.63
N ALA D 83 26.31 5.73 6.79
CA ALA D 83 26.84 4.38 6.62
C ALA D 83 26.34 3.45 7.72
N LEU D 84 26.19 3.96 8.94
CA LEU D 84 25.62 3.16 10.02
C LEU D 84 24.13 2.93 9.83
N LYS D 85 23.40 3.96 9.37
N LYS D 85 23.40 3.95 9.36
CA LYS D 85 21.98 3.76 9.05
CA LYS D 85 21.98 3.77 9.06
C LYS D 85 21.80 2.64 8.04
C LYS D 85 21.79 2.65 8.04
N ALA D 86 22.66 2.59 7.01
CA ALA D 86 22.54 1.54 6.01
C ALA D 86 22.66 0.16 6.62
N VAL D 87 23.54 0.00 7.60
CA VAL D 87 23.69 -1.29 8.28
C VAL D 87 22.42 -1.64 9.05
N TYR D 88 21.85 -0.66 9.75
CA TYR D 88 20.59 -0.92 10.46
C TYR D 88 19.52 -1.40 9.51
N LEU D 89 19.39 -0.73 8.36
CA LEU D 89 18.33 -1.12 7.42
C LEU D 89 18.50 -2.56 6.94
N GLU D 90 19.75 -3.03 6.87
CA GLU D 90 19.98 -4.40 6.43
C GLU D 90 19.90 -5.40 7.56
N GLN D 91 20.41 -5.06 8.75
CA GLN D 91 20.69 -6.06 9.77
C GLN D 91 19.78 -5.99 11.00
N HIS D 92 19.12 -4.88 11.26
CA HIS D 92 18.28 -4.81 12.47
C HIS D 92 17.06 -5.70 12.29
N PRO D 93 16.71 -6.53 13.29
CA PRO D 93 15.54 -7.38 13.14
C PRO D 93 14.26 -6.56 13.16
N PRO D 94 13.19 -7.07 12.55
CA PRO D 94 11.90 -6.39 12.64
C PRO D 94 11.21 -6.64 13.98
N PHE D 95 10.19 -5.83 14.25
CA PHE D 95 9.32 -6.10 15.39
C PHE D 95 8.60 -7.42 15.18
N ASP D 96 8.96 -8.43 15.98
CA ASP D 96 8.22 -9.69 15.99
C ASP D 96 7.48 -9.78 17.32
N PRO D 97 6.15 -9.70 17.35
CA PRO D 97 5.44 -9.63 18.63
C PRO D 97 5.70 -10.82 19.53
N ALA D 98 6.13 -11.94 18.97
CA ALA D 98 6.37 -13.13 19.79
C ALA D 98 7.61 -12.97 20.66
N THR D 99 8.58 -12.16 20.22
CA THR D 99 9.87 -12.06 20.90
C THR D 99 10.29 -10.65 21.28
N ALA D 100 9.71 -9.60 20.70
CA ALA D 100 10.17 -8.24 20.96
C ALA D 100 10.05 -7.93 22.44
N ARG D 101 11.18 -7.58 23.06
CA ARG D 101 11.21 -7.38 24.51
C ARG D 101 10.55 -6.06 24.89
N ALA D 102 9.90 -6.07 26.05
CA ALA D 102 9.29 -4.85 26.55
C ALA D 102 10.35 -3.83 26.95
N VAL D 103 10.00 -2.54 26.78
CA VAL D 103 10.87 -1.44 27.21
C VAL D 103 11.20 -1.62 28.69
N ARG D 104 12.49 -1.59 29.03
CA ARG D 104 12.87 -1.87 30.41
C ARG D 104 12.30 -0.82 31.37
N GLU D 105 12.27 0.46 30.94
CA GLU D 105 11.75 1.54 31.77
C GLU D 105 10.24 1.46 31.98
N ASN D 106 9.56 0.54 31.32
CA ASN D 106 8.14 0.30 31.54
C ASN D 106 7.86 -0.66 32.68
N SER D 107 8.91 -1.05 33.43
CA SER D 107 8.97 -2.01 34.54
C SER D 107 9.18 -3.42 34.01
N VAL D 108 9.98 -4.20 34.74
CA VAL D 108 10.12 -5.61 34.44
C VAL D 108 8.76 -6.29 34.47
N LEU D 109 7.79 -5.74 35.24
CA LEU D 109 6.47 -6.35 35.27
C LEU D 109 5.82 -6.36 33.88
N ALA D 110 6.10 -5.35 33.04
CA ALA D 110 5.51 -5.37 31.70
C ALA D 110 6.09 -6.52 30.88
N GLU D 111 7.39 -6.81 31.04
CA GLU D 111 7.98 -7.97 30.37
C GLU D 111 7.47 -9.29 30.96
N PHE D 112 7.24 -9.35 32.28
CA PHE D 112 6.63 -10.53 32.90
C PHE D 112 5.22 -10.78 32.35
N LEU D 113 4.43 -9.72 32.19
CA LEU D 113 3.08 -9.90 31.67
C LEU D 113 3.11 -10.23 30.19
N ARG D 114 4.05 -9.65 29.44
CA ARG D 114 4.19 -9.96 28.01
C ARG D 114 4.42 -11.45 27.78
N THR D 115 5.08 -12.14 28.71
CA THR D 115 5.36 -13.57 28.55
C THR D 115 4.47 -14.45 29.41
N TRP D 116 3.34 -13.93 29.88
CA TRP D 116 2.38 -14.65 30.70
C TRP D 116 1.53 -15.58 29.82
N PRO D 117 1.10 -16.74 30.35
CA PRO D 117 0.18 -17.61 29.61
C PRO D 117 -1.09 -16.88 29.17
N VAL D 119 -1.51 -14.53 27.08
CA VAL D 119 -1.35 -13.11 26.79
C VAL D 119 -1.73 -12.78 25.33
N HIS D 120 -2.25 -11.58 25.12
CA HIS D 120 -2.46 -11.00 23.80
C HIS D 120 -1.63 -9.73 23.70
N ARG D 121 -1.08 -9.47 22.51
CA ARG D 121 -0.19 -8.32 22.32
C ARG D 121 -0.64 -7.50 21.11
N SER D 122 -0.68 -6.18 21.27
CA SER D 122 -1.12 -5.35 20.15
C SER D 122 0.03 -5.12 19.15
N ALA D 123 -0.36 -4.75 17.92
CA ALA D 123 0.56 -4.84 16.78
C ALA D 123 1.43 -3.59 16.58
N ASN D 124 1.08 -2.47 17.20
CA ASN D 124 1.88 -1.26 17.07
C ASN D 124 3.19 -1.41 17.84
N PRO D 125 4.36 -1.43 17.17
CA PRO D 125 5.60 -1.72 17.93
C PRO D 125 5.89 -0.75 19.06
N GLU D 126 5.94 0.55 18.75
CA GLU D 126 6.32 1.53 19.75
C GLU D 126 5.30 1.61 20.88
N ALA D 127 4.03 1.43 20.56
CA ALA D 127 2.94 1.59 21.53
C ALA D 127 2.37 0.24 21.98
N SER D 128 3.13 -0.85 21.81
CA SER D 128 2.57 -2.19 21.98
C SER D 128 2.04 -2.44 23.38
N MET D 129 0.80 -2.93 23.46
CA MET D 129 0.19 -3.30 24.73
C MET D 129 -0.01 -4.80 24.84
N VAL D 130 0.11 -5.31 26.08
CA VAL D 130 -0.08 -6.72 26.38
C VAL D 130 -1.18 -6.85 27.42
N ALA D 131 -1.98 -7.90 27.30
CA ALA D 131 -3.12 -8.03 28.19
C ALA D 131 -3.46 -9.50 28.37
N VAL D 132 -3.98 -9.82 29.56
CA VAL D 132 -4.42 -11.16 29.91
C VAL D 132 -5.80 -11.04 30.53
N GLY D 133 -6.75 -11.84 30.04
CA GLY D 133 -8.07 -11.86 30.68
C GLY D 133 -9.19 -11.82 29.66
N ARG D 134 -10.42 -11.60 30.17
CA ARG D 134 -11.62 -11.81 29.36
C ARG D 134 -11.64 -10.92 28.12
N GLN D 135 -11.23 -9.66 28.26
CA GLN D 135 -11.25 -8.70 27.17
C GLN D 135 -9.86 -8.37 26.63
N ALA D 136 -8.89 -9.27 26.85
CA ALA D 136 -7.52 -9.05 26.37
C ALA D 136 -7.46 -9.00 24.83
N ALA D 137 -8.17 -9.89 24.15
CA ALA D 137 -8.17 -9.80 22.68
C ALA D 137 -8.79 -8.51 22.20
N LEU D 138 -9.96 -8.13 22.77
CA LEU D 138 -10.60 -6.88 22.37
C LEU D 138 -9.66 -5.69 22.56
N LEU D 139 -9.02 -5.59 23.74
CA LEU D 139 -8.21 -4.41 24.01
C LEU D 139 -7.03 -4.29 23.05
N THR D 140 -6.44 -5.41 22.66
CA THR D 140 -5.21 -5.40 21.87
C THR D 140 -5.46 -5.48 20.37
N ALA D 141 -6.72 -5.58 19.95
CA ALA D 141 -7.05 -5.81 18.55
C ALA D 141 -6.87 -4.55 17.70
N ASN D 142 -6.41 -4.76 16.47
N ASN D 142 -6.43 -4.73 16.45
CA ASN D 142 -6.45 -3.74 15.42
CA ASN D 142 -6.55 -3.68 15.43
C ASN D 142 -5.85 -2.43 15.88
C ASN D 142 -5.82 -2.39 15.83
N HIS D 143 -4.69 -2.53 16.51
CA HIS D 143 -3.95 -1.35 16.97
C HIS D 143 -3.24 -0.71 15.79
N ALA D 144 -3.73 0.45 15.36
CA ALA D 144 -3.17 1.13 14.19
C ALA D 144 -1.70 1.51 14.41
N LEU D 145 -0.92 1.43 13.33
CA LEU D 145 0.48 1.80 13.41
C LEU D 145 0.66 3.30 13.59
N ASP D 146 -0.13 4.10 12.90
CA ASP D 146 -0.08 5.55 13.04
C ASP D 146 -1.00 5.99 14.18
N TYR D 147 -0.57 7.01 14.91
CA TYR D 147 -1.32 7.59 16.03
C TYR D 147 -1.75 6.49 17.00
N GLY D 148 -0.73 5.81 17.52
CA GLY D 148 -0.91 4.63 18.36
C GLY D 148 -1.52 4.86 19.71
N TYR D 149 -1.77 6.12 20.09
CA TYR D 149 -2.46 6.41 21.34
C TYR D 149 -3.80 7.05 21.05
N GLY D 150 -4.28 6.92 19.81
CA GLY D 150 -5.46 7.62 19.30
C GLY D 150 -6.73 6.77 19.33
N VAL D 151 -7.59 6.97 18.33
N VAL D 151 -7.58 6.99 18.33
CA VAL D 151 -8.92 6.35 18.39
CA VAL D 151 -8.89 6.34 18.29
C VAL D 151 -8.89 4.85 18.10
C VAL D 151 -8.75 4.83 18.12
N GLU D 152 -7.90 4.36 17.36
N GLU D 152 -7.82 4.39 17.29
CA GLU D 152 -7.85 2.91 17.12
CA GLU D 152 -7.65 2.96 17.06
C GLU D 152 -6.71 2.28 17.93
C GLU D 152 -6.53 2.42 17.95
N SER D 153 -6.82 2.35 19.24
CA SER D 153 -5.77 1.96 20.17
C SER D 153 -6.38 1.26 21.37
N PRO D 154 -5.56 0.50 22.11
CA PRO D 154 -6.05 -0.10 23.36
C PRO D 154 -6.49 0.93 24.39
N LEU D 155 -5.95 2.16 24.35
CA LEU D 155 -6.38 3.17 25.30
C LEU D 155 -7.81 3.62 25.01
N ALA D 156 -8.12 3.83 23.72
CA ALA D 156 -9.50 4.14 23.35
C ALA D 156 -10.45 3.05 23.82
N LYS D 157 -10.07 1.79 23.64
CA LYS D 157 -10.97 0.71 24.04
C LYS D 157 -11.09 0.62 25.55
N LEU D 158 -10.00 0.90 26.27
CA LEU D 158 -10.05 0.90 27.73
C LEU D 158 -11.04 1.96 28.23
N VAL D 159 -11.04 3.13 27.61
CA VAL D 159 -12.02 4.15 27.97
C VAL D 159 -13.42 3.67 27.63
N ALA D 160 -13.57 3.06 26.45
CA ALA D 160 -14.91 2.69 25.98
C ALA D 160 -15.57 1.64 26.87
N ILE D 161 -14.78 0.72 27.43
CA ILE D 161 -15.35 -0.33 28.28
C ILE D 161 -15.29 0.07 29.75
N GLU D 162 -15.03 1.36 30.01
CA GLU D 162 -15.00 1.93 31.36
C GLU D 162 -14.02 1.16 32.24
N GLY D 163 -12.79 1.04 31.75
CA GLY D 163 -11.73 0.42 32.51
C GLY D 163 -11.09 1.39 33.49
N TYR D 164 -10.00 0.92 34.08
CA TYR D 164 -9.32 1.62 35.15
C TYR D 164 -7.81 1.63 34.91
N VAL D 165 -7.14 2.56 35.59
CA VAL D 165 -5.68 2.62 35.60
C VAL D 165 -5.19 2.54 37.04
N LEU D 166 -4.30 1.60 37.32
CA LEU D 166 -3.72 1.45 38.65
C LEU D 166 -2.26 1.85 38.60
N MET D 167 -1.89 2.85 39.39
CA MET D 167 -0.49 3.19 39.59
C MET D 167 0.00 2.55 40.88
N LEU D 168 0.93 1.61 40.75
CA LEU D 168 1.42 0.81 41.87
C LEU D 168 2.86 1.22 42.18
N GLY D 169 3.01 2.26 42.98
CA GLY D 169 4.33 2.83 43.24
C GLY D 169 4.97 3.47 42.03
N ALA D 170 4.20 3.70 40.95
CA ALA D 170 4.72 4.30 39.73
C ALA D 170 4.53 5.82 39.76
N PRO D 171 5.48 6.59 39.22
CA PRO D 171 5.30 8.04 39.21
C PRO D 171 4.08 8.42 38.40
N LEU D 172 3.38 9.47 38.85
CA LEU D 172 2.17 9.87 38.14
C LEU D 172 2.48 10.38 36.74
N ASP D 173 3.74 10.74 36.48
CA ASP D 173 4.14 11.17 35.15
C ASP D 173 4.08 10.04 34.12
N THR D 174 3.94 8.78 34.54
CA THR D 174 4.01 7.64 33.62
C THR D 174 2.65 7.13 33.18
N ILE D 175 1.55 7.86 33.43
CA ILE D 175 0.22 7.41 33.02
C ILE D 175 0.08 7.50 31.50
N THR D 176 0.23 6.37 30.80
CA THR D 176 0.20 6.33 29.34
C THR D 176 -1.15 6.78 28.81
N LEU D 177 -2.23 6.54 29.56
CA LEU D 177 -3.55 6.98 29.13
C LEU D 177 -3.58 8.48 28.84
N LEU D 178 -2.76 9.27 29.52
CA LEU D 178 -2.84 10.70 29.23
C LEU D 178 -2.31 11.04 27.84
N HIS D 179 -1.54 10.16 27.19
CA HIS D 179 -1.24 10.39 25.76
C HIS D 179 -2.48 10.28 24.89
N HIS D 180 -3.45 9.46 25.32
CA HIS D 180 -4.74 9.41 24.61
C HIS D 180 -5.51 10.70 24.84
N ALA D 181 -5.42 11.27 26.03
CA ALA D 181 -6.03 12.58 26.26
C ALA D 181 -5.37 13.66 25.39
N GLU D 182 -4.04 13.64 25.29
CA GLU D 182 -3.36 14.54 24.36
C GLU D 182 -3.89 14.39 22.95
N TYR D 183 -4.08 13.15 22.50
CA TYR D 183 -4.57 12.91 21.14
C TYR D 183 -5.95 13.53 20.96
N LEU D 184 -6.83 13.37 21.95
CA LEU D 184 -8.20 13.86 21.84
C LEU D 184 -8.30 15.38 21.96
N ALA D 185 -7.43 16.00 22.74
CA ALA D 185 -7.63 17.40 23.11
C ALA D 185 -7.38 18.32 21.93
N LYS D 186 -8.26 19.32 21.78
CA LYS D 186 -8.07 20.35 20.76
C LYS D 186 -7.11 21.37 21.35
N MET D 187 -5.83 21.17 21.08
CA MET D 187 -4.76 22.00 21.62
C MET D 187 -4.26 22.92 20.52
N ARG D 188 -3.64 24.03 20.93
CA ARG D 188 -3.18 24.99 19.94
C ARG D 188 -2.19 24.37 18.96
N HIS D 189 -1.23 23.59 19.45
CA HIS D 189 -0.30 22.93 18.57
C HIS D 189 0.21 21.63 19.19
N LYS D 190 0.22 20.56 18.40
CA LYS D 190 0.83 19.31 18.85
C LYS D 190 1.94 18.97 17.88
N ASN D 191 3.04 18.45 18.41
CA ASN D 191 4.17 18.05 17.59
C ASN D 191 3.95 16.67 17.00
N VAL D 192 4.13 16.55 15.70
CA VAL D 192 3.98 15.30 14.97
C VAL D 192 5.37 14.74 14.68
N VAL D 193 5.54 13.44 14.88
CA VAL D 193 6.79 12.77 14.57
C VAL D 193 6.52 11.76 13.48
N ARG D 194 7.52 11.56 12.61
CA ARG D 194 7.48 10.51 11.60
C ARG D 194 8.80 9.79 11.67
N TYR D 195 8.76 8.47 11.86
CA TYR D 195 10.01 7.75 12.09
C TYR D 195 9.95 6.40 11.41
N PRO D 196 11.10 5.84 11.04
CA PRO D 196 11.12 4.52 10.41
C PRO D 196 11.06 3.41 11.45
N CYS D 197 10.47 2.29 11.03
CA CYS D 197 10.37 1.12 11.89
C CYS D 197 10.30 -0.17 11.07
N PRO D 198 11.05 -1.20 11.43
CA PRO D 198 10.91 -2.47 10.72
C PRO D 198 9.82 -3.35 11.32
N ILE D 199 8.94 -3.88 10.48
CA ILE D 199 7.88 -4.76 10.92
C ILE D 199 7.87 -6.01 10.05
N LEU D 200 7.02 -6.95 10.42
CA LEU D 200 6.81 -8.15 9.64
C LEU D 200 5.57 -8.01 8.78
N ARG D 201 5.68 -8.38 7.51
N ARG D 201 5.68 -8.38 7.51
CA ARG D 201 4.55 -8.38 6.60
CA ARG D 201 4.55 -8.37 6.59
C ARG D 201 4.72 -9.58 5.68
C ARG D 201 4.73 -9.59 5.68
N ASP D 202 3.74 -10.48 5.69
CA ASP D 202 3.86 -11.78 5.04
C ASP D 202 5.14 -12.49 5.47
N GLY D 203 5.43 -12.43 6.78
CA GLY D 203 6.59 -13.11 7.30
C GLY D 203 7.94 -12.54 6.92
N ARG D 204 7.98 -11.36 6.30
N ARG D 204 7.98 -11.38 6.28
CA ARG D 204 9.23 -10.74 5.87
CA ARG D 204 9.24 -10.76 5.90
C ARG D 204 9.38 -9.34 6.45
C ARG D 204 9.37 -9.37 6.48
N LYS D 205 10.62 -8.93 6.66
CA LYS D 205 10.90 -7.62 7.22
C LYS D 205 10.64 -6.53 6.19
N VAL D 206 9.84 -5.54 6.57
N VAL D 206 9.84 -5.53 6.58
CA VAL D 206 9.62 -4.36 5.75
CA VAL D 206 9.57 -4.35 5.77
C VAL D 206 9.76 -3.13 6.64
C VAL D 206 9.77 -3.13 6.65
N TRP D 207 10.46 -2.12 6.13
CA TRP D 207 10.61 -0.86 6.85
C TRP D 207 9.49 0.07 6.42
N VAL D 208 8.74 0.59 7.41
CA VAL D 208 7.64 1.51 7.15
C VAL D 208 7.88 2.81 7.89
N THR D 209 7.14 3.84 7.50
CA THR D 209 7.17 5.11 8.21
C THR D 209 5.96 5.15 9.13
N VAL D 210 6.21 5.41 10.42
CA VAL D 210 5.17 5.52 11.43
C VAL D 210 4.98 7.00 11.72
N GLU D 211 3.72 7.45 11.72
CA GLU D 211 3.35 8.80 12.08
C GLU D 211 2.60 8.81 13.40
N ASP D 212 2.96 9.75 14.27
CA ASP D 212 2.33 9.82 15.59
C ASP D 212 2.52 11.22 16.17
N TYR D 213 1.73 11.55 17.19
CA TYR D 213 2.09 12.69 18.03
C TYR D 213 3.31 12.33 18.86
N ASP D 214 4.17 13.31 19.05
CA ASP D 214 5.30 13.15 19.96
C ASP D 214 4.77 12.70 21.31
N THR D 215 5.34 11.60 21.83
CA THR D 215 5.02 11.19 23.20
C THR D 215 6.24 11.23 24.11
N GLY D 216 7.35 11.78 23.63
CA GLY D 216 8.55 11.89 24.45
C GLY D 216 8.63 13.19 25.25
N ASP D 217 8.00 14.25 24.73
CA ASP D 217 7.90 15.53 25.39
C ASP D 217 6.47 16.02 25.26
N PRO D 218 5.98 16.80 26.21
CA PRO D 218 4.64 17.38 26.09
C PRO D 218 4.56 18.41 24.97
N HIS D 219 3.34 18.63 24.50
CA HIS D 219 3.06 19.57 23.42
C HIS D 219 3.04 21.01 23.88
N ASP D 220 3.05 21.25 25.18
CA ASP D 220 3.00 22.59 25.73
C ASP D 220 3.57 22.53 27.14
N ASP D 221 3.31 23.57 27.92
CA ASP D 221 3.95 23.75 29.23
C ASP D 221 3.13 23.03 30.29
N TYR D 222 3.27 21.71 30.32
CA TYR D 222 2.55 20.90 31.30
C TYR D 222 3.33 19.62 31.51
N SER D 223 2.94 18.89 32.55
CA SER D 223 3.42 17.53 32.77
C SER D 223 2.24 16.64 33.15
N PHE D 224 2.40 15.35 32.92
CA PHE D 224 1.35 14.42 33.33
C PHE D 224 1.22 14.38 34.86
N GLU D 225 2.34 14.52 35.57
N GLU D 225 2.34 14.52 35.57
CA GLU D 225 2.28 14.58 37.03
CA GLU D 225 2.28 14.58 37.03
C GLU D 225 1.37 15.71 37.48
C GLU D 225 1.38 15.72 37.48
N GLN D 226 1.47 16.87 36.82
CA GLN D 226 0.66 18.02 37.20
C GLN D 226 -0.83 17.75 36.96
N ILE D 227 -1.17 17.18 35.80
CA ILE D 227 -2.57 16.85 35.49
C ILE D 227 -3.11 15.86 36.52
N ALA D 228 -2.35 14.79 36.81
CA ALA D 228 -2.82 13.80 37.75
C ALA D 228 -2.93 14.38 39.16
N ARG D 229 -1.97 15.21 39.58
CA ARG D 229 -2.06 15.83 40.89
C ARG D 229 -3.31 16.68 41.01
N ASP D 230 -3.65 17.43 39.94
CA ASP D 230 -4.87 18.24 39.96
C ASP D 230 -6.11 17.35 40.00
N TYR D 231 -6.09 16.24 39.27
CA TYR D 231 -7.20 15.29 39.30
C TYR D 231 -7.43 14.77 40.71
N VAL D 232 -6.37 14.31 41.38
CA VAL D 232 -6.48 13.81 42.75
C VAL D 232 -7.00 14.90 43.68
N ALA D 233 -6.52 16.13 43.50
CA ALA D 233 -6.86 17.21 44.42
C ALA D 233 -8.34 17.56 44.36
N GLN D 234 -8.98 17.38 43.21
CA GLN D 234 -10.41 17.65 43.07
C GLN D 234 -11.27 16.41 43.29
N GLY D 235 -10.72 15.38 43.95
CA GLY D 235 -11.46 14.20 44.36
C GLY D 235 -11.39 13.01 43.44
N GLY D 236 -10.50 13.02 42.46
CA GLY D 236 -10.45 11.95 41.49
C GLY D 236 -9.70 10.72 42.01
N GLY D 237 -10.28 9.55 41.80
CA GLY D 237 -9.61 8.31 42.10
C GLY D 237 -9.63 7.93 43.57
N THR D 238 -8.98 6.81 43.84
CA THR D 238 -8.83 6.29 45.20
C THR D 238 -7.34 6.03 45.44
N ARG D 239 -6.95 6.08 46.71
N ARG D 239 -6.96 6.10 46.72
CA ARG D 239 -5.53 5.94 47.06
CA ARG D 239 -5.56 6.03 47.16
C ARG D 239 -5.39 5.01 48.25
C ARG D 239 -5.43 4.98 48.25
N GLY D 240 -4.29 4.28 48.27
CA GLY D 240 -4.06 3.32 49.34
C GLY D 240 -2.73 2.63 49.18
N LYS D 241 -2.36 1.89 50.22
CA LYS D 241 -1.09 1.18 50.22
C LYS D 241 -1.28 -0.22 49.66
N VAL D 242 -0.34 -0.65 48.83
CA VAL D 242 -0.24 -2.03 48.37
C VAL D 242 1.19 -2.46 48.64
N GLY D 243 1.37 -3.38 49.58
CA GLY D 243 2.72 -3.63 50.06
C GLY D 243 3.30 -2.34 50.62
N ASP D 244 4.53 -2.03 50.24
CA ASP D 244 5.19 -0.79 50.62
C ASP D 244 4.86 0.38 49.69
N ALA D 245 4.06 0.17 48.65
CA ALA D 245 3.89 1.15 47.58
C ALA D 245 2.66 2.01 47.81
N ASP D 246 2.82 3.31 47.54
CA ASP D 246 1.66 4.18 47.38
C ASP D 246 0.96 3.84 46.07
N ALA D 247 -0.35 3.63 46.13
CA ALA D 247 -1.10 3.24 44.94
C ALA D 247 -2.23 4.24 44.69
N TYR D 248 -2.55 4.44 43.40
CA TYR D 248 -3.66 5.26 42.95
C TYR D 248 -4.50 4.46 41.97
N LEU D 249 -5.82 4.51 42.12
CA LEU D 249 -6.72 3.83 41.21
C LEU D 249 -7.63 4.87 40.55
N PHE D 250 -7.55 4.96 39.22
CA PHE D 250 -8.30 5.95 38.45
C PHE D 250 -9.26 5.27 37.49
N ALA D 251 -10.47 5.83 37.36
CA ALA D 251 -11.36 5.41 36.28
C ALA D 251 -10.90 6.03 34.97
N ALA D 252 -10.72 5.20 33.93
CA ALA D 252 -10.15 5.71 32.68
C ALA D 252 -11.04 6.76 32.04
N GLN D 253 -12.36 6.54 32.07
CA GLN D 253 -13.27 7.46 31.40
C GLN D 253 -13.23 8.83 32.05
N ASP D 254 -13.34 8.87 33.39
CA ASP D 254 -13.39 10.14 34.09
C ASP D 254 -12.05 10.86 34.02
N LEU D 255 -10.94 10.11 34.15
CA LEU D 255 -9.62 10.74 34.07
C LEU D 255 -9.37 11.32 32.68
N THR D 256 -9.75 10.57 31.63
CA THR D 256 -9.56 11.07 30.27
C THR D 256 -10.38 12.33 30.06
N ARG D 257 -11.65 12.30 30.48
CA ARG D 257 -12.49 13.49 30.34
C ARG D 257 -11.88 14.67 31.08
N PHE D 258 -11.43 14.45 32.32
CA PHE D 258 -10.82 15.51 33.10
C PHE D 258 -9.57 16.04 32.40
N ALA D 259 -8.73 15.15 31.89
CA ALA D 259 -7.47 15.56 31.30
C ALA D 259 -7.68 16.33 29.99
N VAL D 260 -8.66 15.92 29.18
CA VAL D 260 -8.95 16.65 27.95
C VAL D 260 -9.43 18.06 28.27
N GLN D 261 -10.33 18.20 29.24
CA GLN D 261 -10.78 19.54 29.62
C GLN D 261 -9.64 20.35 30.19
N TRP D 262 -8.75 19.70 30.94
CA TRP D 262 -7.61 20.37 31.54
C TRP D 262 -6.70 20.96 30.46
N LEU D 263 -6.38 20.15 29.46
CA LEU D 263 -5.51 20.59 28.38
C LEU D 263 -6.18 21.67 27.52
N GLU D 264 -7.47 21.51 27.25
CA GLU D 264 -8.16 22.47 26.38
C GLU D 264 -8.38 23.80 27.08
N SER D 265 -8.59 23.77 28.40
CA SER D 265 -8.77 25.02 29.13
C SER D 265 -7.50 25.85 29.15
N ARG D 266 -6.34 25.18 29.16
CA ARG D 266 -5.07 25.87 29.29
C ARG D 266 -4.35 26.10 27.98
N PHE D 267 -4.47 25.18 27.02
CA PHE D 267 -3.65 25.21 25.82
C PHE D 267 -4.47 25.13 24.53
N GLY D 268 -5.77 25.39 24.59
CA GLY D 268 -6.60 25.26 23.42
C GLY D 268 -6.62 26.55 22.63
N ASP D 269 -7.27 26.50 21.47
CA ASP D 269 -7.20 27.58 20.49
C ASP D 269 -8.55 28.22 20.23
#